data_7X3O
#
_entry.id   7X3O
#
_cell.length_a   64.755
_cell.length_b   58.906
_cell.length_c   95.992
_cell.angle_alpha   90.000
_cell.angle_beta   89.990
_cell.angle_gamma   90.000
#
_symmetry.space_group_name_H-M   'P 1 21 1'
#
loop_
_entity.id
_entity.type
_entity.pdbx_description
1 polymer 'Aldo-keto reductase family 1 member C3'
2 non-polymer 'NADP NICOTINAMIDE-ADENINE-DINUCLEOTIDE PHOSPHATE'
3 non-polymer '(2~{R})-2-(3-fluoranyl-4-pyrimidin-5-yl-phenyl)butanoic acid'
4 water water
#
_entity_poly.entity_id   1
_entity_poly.type   'polypeptide(L)'
_entity_poly.pdbx_seq_one_letter_code
;MHHHHHHDSKHQCVKLNDGHFMPVLGFGTYAPPEVPRSKALEVTKLAIEAGFRHIDSAHLYNNEEQVGLAIRSKIADGSV
KREDIFYTSKLWSTFHRPELVRPALENSLKKAQLDYVDLYLIHSPMSLKPGEELSPTDENGKVIFDIVDLCTTWEAMEKC
KDAGLAKSIGVSNFNRRQLEMILNKPGLKYKPVCNQVECHPYFNRSKLLDFCKSKDIVLVAYSALGSQRDKRWVDPNSPV
LLEDPVLCALAKKHKRTPALIALRYQLQRGVVVLAKSYNEQRIRQNVQVFEFQLTAEDMKAIDGLDRNLHYFNSDSFASH
PNYPYSDEY
;
_entity_poly.pdbx_strand_id   A,B
#
loop_
_chem_comp.id
_chem_comp.type
_chem_comp.name
_chem_comp.formula
8IT non-polymer '(2~{R})-2-(3-fluoranyl-4-pyrimidin-5-yl-phenyl)butanoic acid' 'C14 H13 F N2 O2'
NAP non-polymer 'NADP NICOTINAMIDE-ADENINE-DINUCLEOTIDE PHOSPHATE' 'C21 H28 N7 O17 P3'
#
# COMPACT_ATOMS: atom_id res chain seq x y z
N GLN A 12 -7.78 35.45 -3.96
CA GLN A 12 -8.05 34.38 -3.00
C GLN A 12 -7.76 33.01 -3.62
N CYS A 13 -6.58 32.89 -4.23
CA CYS A 13 -6.17 31.68 -4.92
C CYS A 13 -4.82 31.22 -4.38
N VAL A 14 -4.52 29.95 -4.59
CA VAL A 14 -3.24 29.35 -4.25
C VAL A 14 -2.52 28.98 -5.54
N LYS A 15 -1.21 29.20 -5.57
CA LYS A 15 -0.42 28.87 -6.75
C LYS A 15 -0.04 27.39 -6.71
N LEU A 16 -0.30 26.70 -7.82
CA LEU A 16 -0.08 25.26 -7.92
C LEU A 16 1.34 24.97 -8.38
N ASN A 17 1.77 23.72 -8.17
CA ASN A 17 3.11 23.28 -8.51
C ASN A 17 3.42 23.37 -10.00
N ASP A 18 2.40 23.50 -10.84
CA ASP A 18 2.60 23.59 -12.28
C ASP A 18 2.41 25.00 -12.82
N GLY A 19 2.20 25.97 -11.94
CA GLY A 19 2.08 27.36 -12.32
C GLY A 19 0.66 27.90 -12.33
N HIS A 20 -0.34 27.04 -12.43
CA HIS A 20 -1.72 27.52 -12.44
C HIS A 20 -2.17 27.89 -11.03
N PHE A 21 -3.33 28.53 -10.93
CA PHE A 21 -3.88 28.99 -9.67
C PHE A 21 -5.20 28.31 -9.40
N MET A 22 -5.47 28.05 -8.11
CA MET A 22 -6.68 27.37 -7.68
C MET A 22 -7.37 28.19 -6.59
N PRO A 23 -8.65 28.52 -6.75
CA PRO A 23 -9.37 29.23 -5.67
C PRO A 23 -9.45 28.38 -4.42
N VAL A 24 -9.30 29.03 -3.25
CA VAL A 24 -9.14 28.31 -2.01
C VAL A 24 -10.47 27.86 -1.41
N LEU A 25 -11.58 28.43 -1.85
CA LEU A 25 -12.91 27.93 -1.50
C LEU A 25 -13.55 27.35 -2.76
N GLY A 26 -13.96 26.09 -2.68
CA GLY A 26 -14.59 25.42 -3.80
C GLY A 26 -16.01 25.02 -3.45
N PHE A 27 -16.84 24.90 -4.48
CA PHE A 27 -18.24 24.53 -4.32
C PHE A 27 -18.41 23.06 -4.67
N GLY A 28 -18.95 22.29 -3.73
CA GLY A 28 -19.22 20.88 -3.96
C GLY A 28 -20.61 20.67 -4.53
N THR A 29 -20.69 19.88 -5.60
CA THR A 29 -21.92 19.74 -6.36
C THR A 29 -22.63 18.40 -6.16
N TYR A 30 -22.04 17.44 -5.43
CA TYR A 30 -22.66 16.13 -5.31
C TYR A 30 -23.96 16.19 -4.52
N ALA A 31 -25.00 15.60 -5.09
CA ALA A 31 -26.28 15.36 -4.43
C ALA A 31 -26.66 13.91 -4.68
N PRO A 32 -27.29 13.25 -3.71
CA PRO A 32 -27.67 11.84 -3.89
C PRO A 32 -28.64 11.69 -5.05
N PRO A 33 -28.73 10.49 -5.64
CA PRO A 33 -29.58 10.33 -6.84
C PRO A 33 -31.04 10.70 -6.62
N GLU A 34 -31.52 10.77 -5.37
CA GLU A 34 -32.90 11.13 -5.15
C GLU A 34 -33.15 12.61 -5.42
N VAL A 35 -32.13 13.44 -5.28
CA VAL A 35 -32.27 14.87 -5.62
C VAL A 35 -32.31 15.01 -7.14
N PRO A 36 -33.28 15.74 -7.70
CA PRO A 36 -33.34 15.87 -9.17
C PRO A 36 -32.14 16.65 -9.70
N ARG A 37 -31.69 16.26 -10.90
CA ARG A 37 -30.51 16.88 -11.48
C ARG A 37 -30.74 18.33 -11.88
N SER A 38 -31.99 18.75 -12.04
CA SER A 38 -32.28 20.16 -12.30
C SER A 38 -31.85 21.06 -11.15
N LYS A 39 -31.76 20.50 -9.93
CA LYS A 39 -31.30 21.28 -8.79
C LYS A 39 -29.83 21.66 -8.93
N ALA A 40 -29.00 20.73 -9.43
CA ALA A 40 -27.58 21.03 -9.61
C ALA A 40 -27.38 22.21 -10.56
N LEU A 41 -28.27 22.39 -11.53
CA LEU A 41 -28.16 23.52 -12.43
C LEU A 41 -28.50 24.83 -11.71
N GLU A 42 -29.61 24.84 -10.98
CA GLU A 42 -30.01 26.04 -10.25
C GLU A 42 -28.98 26.40 -9.19
N VAL A 43 -28.48 25.40 -8.47
CA VAL A 43 -27.62 25.59 -7.31
C VAL A 43 -26.25 26.09 -7.75
N THR A 44 -25.70 25.49 -8.80
CA THR A 44 -24.40 25.91 -9.30
C THR A 44 -24.44 27.33 -9.84
N LYS A 45 -25.56 27.73 -10.44
CA LYS A 45 -25.73 29.12 -10.84
C LYS A 45 -25.72 30.04 -9.63
N LEU A 46 -26.36 29.61 -8.53
CA LEU A 46 -26.37 30.43 -7.32
C LEU A 46 -24.98 30.51 -6.69
N ALA A 47 -24.22 29.40 -6.71
CA ALA A 47 -22.86 29.43 -6.18
C ALA A 47 -22.01 30.45 -6.92
N ILE A 48 -22.13 30.50 -8.25
CA ILE A 48 -21.39 31.50 -9.02
C ILE A 48 -21.91 32.89 -8.74
N GLU A 49 -23.23 33.03 -8.56
CA GLU A 49 -23.79 34.33 -8.19
C GLU A 49 -23.28 34.77 -6.82
N ALA A 50 -23.08 33.82 -5.91
CA ALA A 50 -22.65 34.16 -4.55
C ALA A 50 -21.18 34.56 -4.49
N GLY A 51 -20.37 34.08 -5.43
CA GLY A 51 -18.95 34.42 -5.44
C GLY A 51 -18.03 33.24 -5.60
N PHE A 52 -18.59 32.03 -5.64
CA PHE A 52 -17.78 30.84 -5.89
C PHE A 52 -17.16 30.89 -7.29
N ARG A 53 -15.88 30.56 -7.38
CA ARG A 53 -15.19 30.41 -8.65
C ARG A 53 -14.53 29.05 -8.81
N HIS A 54 -14.56 28.21 -7.79
CA HIS A 54 -14.05 26.85 -7.84
C HIS A 54 -15.26 25.92 -7.73
N ILE A 55 -15.41 25.02 -8.68
CA ILE A 55 -16.60 24.17 -8.79
C ILE A 55 -16.15 22.73 -8.94
N ASP A 56 -16.53 21.87 -8.00
CA ASP A 56 -16.04 20.50 -7.89
C ASP A 56 -17.10 19.53 -8.39
N SER A 57 -16.80 18.80 -9.46
CA SER A 57 -17.68 17.75 -9.95
C SER A 57 -16.89 16.47 -10.20
N ALA A 58 -17.52 15.46 -10.82
CA ALA A 58 -16.86 14.20 -11.12
C ALA A 58 -17.75 13.37 -12.04
N HIS A 59 -17.14 12.37 -12.68
CA HIS A 59 -17.91 11.39 -13.45
C HIS A 59 -19.01 10.78 -12.60
N LEU A 60 -18.64 10.36 -11.39
CA LEU A 60 -19.55 9.60 -10.53
C LEU A 60 -20.77 10.40 -10.12
N TYR A 61 -20.70 11.74 -10.16
CA TYR A 61 -21.74 12.57 -9.60
C TYR A 61 -22.97 12.67 -10.49
N ASN A 62 -22.89 12.26 -11.75
CA ASN A 62 -24.05 12.22 -12.66
C ASN A 62 -24.68 13.61 -12.81
N ASN A 63 -23.84 14.65 -12.80
CA ASN A 63 -24.36 16.01 -12.90
C ASN A 63 -23.52 16.91 -13.82
N GLU A 64 -22.57 16.34 -14.57
CA GLU A 64 -21.65 17.19 -15.32
C GLU A 64 -22.34 17.96 -16.43
N GLU A 65 -23.41 17.40 -17.01
CA GLU A 65 -24.20 18.15 -17.98
C GLU A 65 -24.82 19.38 -17.33
N GLN A 66 -25.40 19.22 -16.13
CA GLN A 66 -26.01 20.37 -15.45
C GLN A 66 -24.96 21.34 -14.94
N VAL A 67 -23.86 20.83 -14.38
CA VAL A 67 -22.82 21.72 -13.87
C VAL A 67 -22.17 22.49 -15.00
N GLY A 68 -21.97 21.83 -16.14
CA GLY A 68 -21.44 22.51 -17.31
C GLY A 68 -22.39 23.59 -17.81
N LEU A 69 -23.66 23.24 -18.00
CA LEU A 69 -24.63 24.22 -18.45
C LEU A 69 -24.69 25.42 -17.50
N ALA A 70 -24.63 25.17 -16.19
CA ALA A 70 -24.65 26.27 -15.23
C ALA A 70 -23.49 27.23 -15.44
N ILE A 71 -22.29 26.68 -15.67
CA ILE A 71 -21.12 27.52 -15.94
C ILE A 71 -21.30 28.29 -17.24
N ARG A 72 -21.68 27.58 -18.31
CA ARG A 72 -21.88 28.23 -19.60
C ARG A 72 -22.99 29.26 -19.53
N SER A 73 -24.04 29.00 -18.75
CA SER A 73 -25.13 29.96 -18.61
C SER A 73 -24.65 31.26 -18.00
N LYS A 74 -23.79 31.18 -16.98
CA LYS A 74 -23.25 32.40 -16.38
C LYS A 74 -22.22 33.06 -17.29
N ILE A 75 -21.52 32.27 -18.11
CA ILE A 75 -20.64 32.85 -19.13
C ILE A 75 -21.47 33.62 -20.15
N ALA A 76 -22.65 33.11 -20.47
CA ALA A 76 -23.48 33.73 -21.49
C ALA A 76 -24.10 35.04 -21.00
N ASP A 77 -24.58 35.07 -19.75
CA ASP A 77 -25.24 36.27 -19.23
C ASP A 77 -24.26 37.34 -18.80
N GLY A 78 -22.97 37.21 -19.14
CA GLY A 78 -22.01 38.26 -18.85
C GLY A 78 -21.61 38.38 -17.40
N SER A 79 -21.78 37.33 -16.59
CA SER A 79 -21.36 37.39 -15.20
C SER A 79 -19.88 37.06 -15.05
N VAL A 80 -19.46 35.90 -15.55
CA VAL A 80 -18.08 35.45 -15.43
C VAL A 80 -17.57 35.02 -16.81
N LYS A 81 -16.25 35.00 -16.93
CA LYS A 81 -15.57 34.48 -18.10
C LYS A 81 -15.07 33.08 -17.79
N ARG A 82 -14.85 32.28 -18.84
CA ARG A 82 -14.40 30.90 -18.64
C ARG A 82 -13.13 30.86 -17.81
N GLU A 83 -12.18 31.75 -18.11
CA GLU A 83 -10.92 31.79 -17.36
C GLU A 83 -11.10 32.18 -15.91
N ASP A 84 -12.28 32.66 -15.52
CA ASP A 84 -12.57 32.98 -14.14
C ASP A 84 -13.11 31.79 -13.35
N ILE A 85 -13.44 30.69 -14.03
CA ILE A 85 -14.02 29.51 -13.40
C ILE A 85 -12.95 28.43 -13.31
N PHE A 86 -12.88 27.76 -12.16
CA PHE A 86 -11.97 26.63 -11.94
C PHE A 86 -12.84 25.39 -11.84
N TYR A 87 -12.92 24.62 -12.92
CA TYR A 87 -13.76 23.43 -12.98
C TYR A 87 -12.92 22.18 -12.77
N THR A 88 -13.35 21.33 -11.84
CA THR A 88 -12.66 20.08 -11.52
C THR A 88 -13.54 18.91 -11.91
N SER A 89 -12.96 17.92 -12.58
CA SER A 89 -13.59 16.62 -12.76
C SER A 89 -12.65 15.53 -12.26
N LYS A 90 -13.16 14.30 -12.24
CA LYS A 90 -12.43 13.19 -11.65
C LYS A 90 -12.62 11.92 -12.47
N LEU A 91 -11.54 11.18 -12.66
CA LEU A 91 -11.58 9.88 -13.34
C LEU A 91 -12.11 8.83 -12.37
N TRP A 92 -13.23 8.20 -12.71
CA TRP A 92 -13.77 7.19 -11.81
C TRP A 92 -12.96 5.90 -11.90
N SER A 93 -13.05 5.10 -10.83
CA SER A 93 -12.15 3.99 -10.58
C SER A 93 -12.31 2.83 -11.55
N THR A 94 -13.40 2.79 -12.31
CA THR A 94 -13.54 1.78 -13.35
C THR A 94 -12.71 2.11 -14.61
N PHE A 95 -12.07 3.28 -14.65
CA PHE A 95 -11.37 3.79 -15.82
C PHE A 95 -9.88 3.99 -15.57
N HIS A 96 -9.29 3.26 -14.63
CA HIS A 96 -7.90 3.49 -14.26
C HIS A 96 -6.91 2.87 -15.24
N ARG A 97 -7.31 1.89 -16.01
CA ARG A 97 -6.39 1.32 -16.99
C ARG A 97 -6.07 2.38 -18.05
N PRO A 98 -4.80 2.54 -18.41
CA PRO A 98 -4.37 3.76 -19.11
C PRO A 98 -5.12 4.08 -20.39
N GLU A 99 -5.50 3.06 -21.16
CA GLU A 99 -6.19 3.31 -22.42
C GLU A 99 -7.59 3.87 -22.23
N LEU A 100 -8.10 3.91 -21.00
CA LEU A 100 -9.43 4.44 -20.73
C LEU A 100 -9.40 5.85 -20.17
N VAL A 101 -8.22 6.38 -19.84
CA VAL A 101 -8.14 7.64 -19.10
C VAL A 101 -8.57 8.81 -19.98
N ARG A 102 -7.96 8.95 -21.16
CA ARG A 102 -8.35 10.05 -22.04
C ARG A 102 -9.80 9.94 -22.52
N PRO A 103 -10.33 8.79 -22.93
CA PRO A 103 -11.76 8.74 -23.28
C PRO A 103 -12.66 9.18 -22.14
N ALA A 104 -12.36 8.79 -20.90
CA ALA A 104 -13.19 9.19 -19.77
C ALA A 104 -13.18 10.71 -19.59
N LEU A 105 -12.01 11.34 -19.78
CA LEU A 105 -11.94 12.79 -19.68
C LEU A 105 -12.66 13.45 -20.84
N GLU A 106 -12.47 12.95 -22.07
CA GLU A 106 -13.16 13.51 -23.23
C GLU A 106 -14.67 13.39 -23.07
N ASN A 107 -15.14 12.30 -22.47
CA ASN A 107 -16.57 12.16 -22.20
C ASN A 107 -17.05 13.24 -21.22
N SER A 108 -16.25 13.53 -20.20
CA SER A 108 -16.64 14.55 -19.23
C SER A 108 -16.74 15.93 -19.87
N LEU A 109 -15.74 16.31 -20.65
CA LEU A 109 -15.83 17.56 -21.39
C LEU A 109 -17.02 17.55 -22.33
N LYS A 110 -17.34 16.39 -22.89
CA LYS A 110 -18.49 16.23 -23.75
C LYS A 110 -19.78 16.51 -22.99
N LYS A 111 -19.95 15.87 -21.83
CA LYS A 111 -21.13 16.08 -20.99
C LYS A 111 -21.29 17.54 -20.61
N ALA A 112 -20.19 18.14 -20.13
CA ALA A 112 -20.20 19.53 -19.69
C ALA A 112 -20.11 20.52 -20.85
N GLN A 113 -19.78 20.06 -22.05
CA GLN A 113 -19.63 20.91 -23.24
C GLN A 113 -18.58 21.99 -23.00
N LEU A 114 -17.44 21.58 -22.47
CA LEU A 114 -16.31 22.46 -22.21
C LEU A 114 -15.09 22.01 -23.01
N ASP A 115 -14.21 22.97 -23.30
CA ASP A 115 -13.01 22.65 -24.07
C ASP A 115 -11.90 22.09 -23.20
N TYR A 116 -11.90 22.38 -21.90
CA TYR A 116 -10.90 21.89 -20.99
C TYR A 116 -11.47 21.91 -19.58
N VAL A 117 -10.92 21.05 -18.72
CA VAL A 117 -11.11 21.18 -17.27
C VAL A 117 -9.86 21.83 -16.71
N ASP A 118 -10.05 22.62 -15.66
CA ASP A 118 -8.90 23.21 -14.97
C ASP A 118 -8.14 22.16 -14.16
N LEU A 119 -8.81 21.10 -13.75
CA LEU A 119 -8.23 20.09 -12.88
C LEU A 119 -8.90 18.75 -13.15
N TYR A 120 -8.08 17.73 -13.35
CA TYR A 120 -8.55 16.36 -13.50
C TYR A 120 -7.87 15.50 -12.44
N LEU A 121 -8.66 14.71 -11.72
CA LEU A 121 -8.19 13.95 -10.57
C LEU A 121 -8.44 12.46 -10.77
N ILE A 122 -7.51 11.65 -10.26
CA ILE A 122 -7.87 10.25 -10.05
C ILE A 122 -8.69 10.19 -8.77
N HIS A 123 -9.95 9.78 -8.95
CA HIS A 123 -10.95 9.92 -7.90
C HIS A 123 -10.58 9.15 -6.63
N SER A 124 -9.98 7.96 -6.80
CA SER A 124 -9.66 7.10 -5.67
C SER A 124 -8.59 6.12 -6.12
N PRO A 125 -7.74 5.64 -5.21
CA PRO A 125 -6.76 4.61 -5.59
C PRO A 125 -7.32 3.19 -5.66
N MET A 126 -8.63 3.01 -5.46
CA MET A 126 -9.24 1.69 -5.35
C MET A 126 -9.86 1.31 -6.69
N SER A 127 -9.05 0.71 -7.56
CA SER A 127 -9.49 0.37 -8.91
C SER A 127 -10.62 -0.67 -8.86
N LEU A 128 -11.59 -0.49 -9.74
CA LEU A 128 -12.72 -1.40 -9.88
C LEU A 128 -12.73 -2.01 -11.27
N LYS A 129 -13.48 -3.10 -11.41
CA LYS A 129 -13.56 -3.81 -12.68
C LYS A 129 -14.07 -2.87 -13.78
N PRO A 130 -13.41 -2.86 -14.94
CA PRO A 130 -13.83 -1.92 -16.01
C PRO A 130 -15.24 -2.20 -16.50
N LEU A 134 -20.77 1.27 -12.94
CA LEU A 134 -19.88 2.15 -12.18
C LEU A 134 -19.56 1.58 -10.79
N SER A 135 -20.45 0.73 -10.25
CA SER A 135 -20.21 0.02 -9.01
C SER A 135 -20.36 -1.48 -9.31
N PRO A 136 -19.32 -2.10 -9.91
CA PRO A 136 -19.38 -3.50 -10.35
C PRO A 136 -19.47 -4.48 -9.18
N ILE A 144 -16.76 -5.34 -7.43
CA ILE A 144 -15.65 -6.21 -7.94
C ILE A 144 -14.37 -5.39 -8.04
N PHE A 145 -13.28 -5.92 -7.53
CA PHE A 145 -12.05 -5.15 -7.49
C PHE A 145 -11.18 -5.46 -8.71
N ASP A 146 -10.18 -4.61 -8.93
CA ASP A 146 -9.22 -4.84 -9.99
C ASP A 146 -7.83 -4.41 -9.52
N ILE A 147 -6.81 -4.84 -10.27
CA ILE A 147 -5.41 -4.60 -9.93
C ILE A 147 -4.79 -3.82 -11.08
N VAL A 148 -4.55 -2.53 -10.85
CA VAL A 148 -3.99 -1.64 -11.86
C VAL A 148 -2.76 -0.94 -11.28
N ASP A 149 -1.65 -0.97 -12.02
CA ASP A 149 -0.49 -0.16 -11.68
C ASP A 149 -0.83 1.30 -11.97
N LEU A 150 -1.06 2.07 -10.90
CA LEU A 150 -1.58 3.42 -11.10
C LEU A 150 -0.52 4.38 -11.62
N CYS A 151 0.76 4.01 -11.58
CA CYS A 151 1.77 4.83 -12.24
C CYS A 151 1.50 4.89 -13.74
N THR A 152 0.97 3.81 -14.31
CA THR A 152 0.56 3.85 -15.72
C THR A 152 -0.69 4.71 -15.89
N THR A 153 -1.61 4.68 -14.93
CA THR A 153 -2.76 5.59 -14.98
C THR A 153 -2.31 7.04 -14.91
N TRP A 154 -1.34 7.33 -14.05
CA TRP A 154 -0.83 8.70 -13.96
C TRP A 154 -0.15 9.12 -15.25
N GLU A 155 0.56 8.19 -15.89
CA GLU A 155 1.18 8.50 -17.18
C GLU A 155 0.14 8.96 -18.19
N ALA A 156 -1.00 8.28 -18.24
CA ALA A 156 -2.08 8.73 -19.12
C ALA A 156 -2.64 10.08 -18.69
N MET A 157 -2.62 10.39 -17.39
CA MET A 157 -2.99 11.71 -16.90
C MET A 157 -2.04 12.77 -17.41
N GLU A 158 -0.74 12.44 -17.38
CA GLU A 158 0.29 13.37 -17.86
C GLU A 158 0.05 13.72 -19.33
N LYS A 159 -0.35 12.74 -20.13
CA LYS A 159 -0.61 13.02 -21.54
C LYS A 159 -1.86 13.87 -21.71
N CYS A 160 -2.86 13.70 -20.85
CA CYS A 160 -4.04 14.56 -20.90
C CYS A 160 -3.70 16.01 -20.61
N LYS A 161 -2.70 16.24 -19.75
CA LYS A 161 -2.23 17.60 -19.50
C LYS A 161 -1.43 18.12 -20.70
N ASP A 162 -0.56 17.28 -21.26
CA ASP A 162 0.22 17.69 -22.44
C ASP A 162 -0.69 18.03 -23.60
N ALA A 163 -1.80 17.29 -23.76
CA ALA A 163 -2.76 17.52 -24.84
C ALA A 163 -3.65 18.72 -24.58
N GLY A 164 -3.68 19.26 -23.36
CA GLY A 164 -4.51 20.41 -23.06
C GLY A 164 -5.91 20.09 -22.63
N LEU A 165 -6.23 18.81 -22.40
CA LEU A 165 -7.57 18.48 -21.94
C LEU A 165 -7.77 18.92 -20.49
N ALA A 166 -6.69 18.99 -19.72
CA ALA A 166 -6.72 19.46 -18.34
C ALA A 166 -5.53 20.38 -18.11
N LYS A 167 -5.79 21.57 -17.57
CA LYS A 167 -4.70 22.48 -17.23
C LYS A 167 -3.84 21.90 -16.12
N SER A 168 -4.45 21.19 -15.18
CA SER A 168 -3.74 20.59 -14.05
C SER A 168 -4.29 19.20 -13.82
N ILE A 169 -3.47 18.36 -13.19
CA ILE A 169 -3.86 16.98 -12.85
C ILE A 169 -3.45 16.70 -11.41
N GLY A 170 -4.31 15.99 -10.69
CA GLY A 170 -4.02 15.60 -9.33
C GLY A 170 -4.60 14.25 -8.99
N VAL A 171 -4.62 13.91 -7.70
CA VAL A 171 -5.19 12.67 -7.23
C VAL A 171 -6.17 12.98 -6.12
N SER A 172 -6.91 11.94 -5.69
CA SER A 172 -7.88 12.10 -4.61
C SER A 172 -7.91 10.82 -3.80
N ASN A 173 -8.03 10.97 -2.47
CA ASN A 173 -8.10 9.86 -1.52
C ASN A 173 -6.81 9.06 -1.45
N PHE A 174 -5.69 9.70 -1.74
CA PHE A 174 -4.38 9.08 -1.66
C PHE A 174 -3.80 9.25 -0.27
N ASN A 175 -3.25 8.19 0.30
CA ASN A 175 -2.52 8.29 1.55
C ASN A 175 -1.06 8.61 1.23
N ARG A 176 -0.22 8.62 2.26
CA ARG A 176 1.21 9.00 2.07
C ARG A 176 1.91 7.99 1.15
N ARG A 177 1.74 6.70 1.42
CA ARG A 177 2.44 5.70 0.62
C ARG A 177 2.02 5.78 -0.85
N GLN A 178 0.73 5.98 -1.12
CA GLN A 178 0.24 6.02 -2.49
C GLN A 178 0.69 7.29 -3.21
N LEU A 179 0.81 8.40 -2.48
CA LEU A 179 1.35 9.62 -3.06
C LEU A 179 2.82 9.43 -3.44
N GLU A 180 3.61 8.88 -2.50
CA GLU A 180 5.04 8.67 -2.75
C GLU A 180 5.29 7.83 -3.99
N MET A 181 4.40 6.88 -4.30
CA MET A 181 4.59 6.02 -5.46
C MET A 181 4.61 6.84 -6.75
N ILE A 182 3.74 7.84 -6.85
CA ILE A 182 3.72 8.70 -8.03
C ILE A 182 4.96 9.59 -8.06
N LEU A 183 5.28 10.22 -6.92
CA LEU A 183 6.46 11.07 -6.85
C LEU A 183 7.76 10.29 -7.05
N ASN A 184 7.76 8.98 -6.80
CA ASN A 184 8.93 8.14 -6.98
C ASN A 184 8.95 7.44 -8.32
N LYS A 185 8.00 7.75 -9.19
CA LYS A 185 7.89 7.04 -10.47
C LYS A 185 9.10 7.35 -11.34
N PRO A 186 9.71 6.35 -11.97
CA PRO A 186 10.81 6.62 -12.90
C PRO A 186 10.35 7.46 -14.08
N GLY A 187 10.99 8.62 -14.25
CA GLY A 187 10.66 9.48 -15.37
C GLY A 187 9.37 10.25 -15.22
N LEU A 188 8.98 10.59 -14.01
CA LEU A 188 7.76 11.37 -13.81
C LEU A 188 7.86 12.71 -14.52
N LYS A 189 6.76 13.11 -15.17
CA LYS A 189 6.59 14.36 -15.90
C LYS A 189 6.12 15.49 -15.00
N TYR A 190 4.94 15.25 -14.43
CA TYR A 190 4.26 16.21 -13.59
C TYR A 190 3.89 15.54 -12.28
N LYS A 191 4.28 16.15 -11.16
CA LYS A 191 3.81 15.70 -9.87
C LYS A 191 2.33 16.05 -9.71
N PRO A 192 1.61 15.31 -8.87
CA PRO A 192 0.23 15.68 -8.58
C PRO A 192 0.13 17.09 -8.02
N VAL A 193 -0.83 17.86 -8.54
CA VAL A 193 -0.98 19.22 -8.07
C VAL A 193 -1.64 19.24 -6.69
N CYS A 194 -2.57 18.33 -6.44
CA CYS A 194 -3.31 18.33 -5.19
C CYS A 194 -3.66 16.90 -4.83
N ASN A 195 -4.12 16.73 -3.59
CA ASN A 195 -4.67 15.47 -3.11
C ASN A 195 -5.95 15.82 -2.37
N GLN A 196 -7.09 15.44 -2.95
CA GLN A 196 -8.39 15.76 -2.36
C GLN A 196 -8.81 14.60 -1.45
N VAL A 197 -8.84 14.86 -0.15
CA VAL A 197 -9.12 13.84 0.86
C VAL A 197 -10.17 14.36 1.82
N GLU A 198 -10.80 13.41 2.53
CA GLU A 198 -11.69 13.80 3.62
C GLU A 198 -10.89 14.50 4.71
N CYS A 199 -11.34 15.69 5.10
CA CYS A 199 -10.56 16.51 6.03
C CYS A 199 -11.49 17.48 6.75
N HIS A 200 -11.52 17.41 8.09
CA HIS A 200 -12.40 18.21 8.93
C HIS A 200 -11.91 18.12 10.39
N PRO A 201 -12.46 18.90 11.33
CA PRO A 201 -11.90 18.89 12.69
C PRO A 201 -11.83 17.52 13.35
N TYR A 202 -12.71 16.57 12.99
CA TYR A 202 -12.63 15.24 13.58
C TYR A 202 -11.63 14.34 12.87
N PHE A 203 -11.22 14.70 11.65
CA PHE A 203 -10.24 13.93 10.87
C PHE A 203 -9.48 14.97 10.06
N ASN A 204 -8.38 15.49 10.64
CA ASN A 204 -7.77 16.69 10.08
C ASN A 204 -6.51 16.43 9.27
N ARG A 205 -6.04 15.18 9.22
CA ARG A 205 -4.97 14.77 8.31
C ARG A 205 -3.70 15.59 8.52
N SER A 206 -3.39 15.85 9.79
CA SER A 206 -2.27 16.78 10.02
C SER A 206 -0.96 16.18 9.53
N LYS A 207 -0.70 14.87 9.66
CA LYS A 207 0.53 14.30 9.13
C LYS A 207 0.54 14.30 7.61
N LEU A 208 -0.59 13.95 7.00
CA LEU A 208 -0.68 13.98 5.53
C LEU A 208 -0.55 15.40 5.01
N LEU A 209 -1.11 16.37 5.75
CA LEU A 209 -0.97 17.76 5.35
C LEU A 209 0.48 18.21 5.41
N ASP A 210 1.21 17.78 6.44
CA ASP A 210 2.63 18.12 6.54
C ASP A 210 3.41 17.55 5.37
N PHE A 211 3.13 16.31 4.99
CA PHE A 211 3.81 15.69 3.86
C PHE A 211 3.49 16.40 2.55
N CYS A 212 2.22 16.75 2.35
CA CYS A 212 1.83 17.46 1.14
C CYS A 212 2.49 18.83 1.05
N LYS A 213 2.58 19.53 2.18
CA LYS A 213 3.28 20.80 2.14
C LYS A 213 4.78 20.62 1.87
N SER A 214 5.35 19.47 2.22
CA SER A 214 6.77 19.23 1.96
C SER A 214 7.06 18.94 0.50
N LYS A 215 6.07 18.47 -0.26
CA LYS A 215 6.25 18.15 -1.67
C LYS A 215 5.55 19.15 -2.59
N ASP A 216 5.09 20.28 -2.05
CA ASP A 216 4.37 21.30 -2.82
C ASP A 216 3.08 20.74 -3.42
N ILE A 217 2.38 19.90 -2.64
CA ILE A 217 1.08 19.37 -3.02
C ILE A 217 0.02 20.04 -2.15
N VAL A 218 -1.02 20.57 -2.78
CA VAL A 218 -2.11 21.19 -2.06
C VAL A 218 -3.06 20.11 -1.55
N LEU A 219 -3.41 20.18 -0.27
CA LEU A 219 -4.48 19.34 0.25
C LEU A 219 -5.80 20.05 0.04
N VAL A 220 -6.74 19.38 -0.63
CA VAL A 220 -8.10 19.87 -0.81
C VAL A 220 -9.01 19.04 0.06
N ALA A 221 -9.85 19.70 0.86
CA ALA A 221 -10.65 19.03 1.87
C ALA A 221 -12.09 18.87 1.39
N TYR A 222 -12.59 17.64 1.44
CA TYR A 222 -14.01 17.37 1.25
C TYR A 222 -14.61 16.88 2.55
N SER A 223 -15.95 16.92 2.62
CA SER A 223 -16.68 16.63 3.85
C SER A 223 -16.20 17.51 5.00
N ALA A 224 -15.84 18.75 4.67
CA ALA A 224 -15.36 19.69 5.69
C ALA A 224 -16.48 20.16 6.61
N LEU A 225 -17.73 20.07 6.17
CA LEU A 225 -18.90 20.32 7.00
C LEU A 225 -19.34 19.06 7.72
N GLY A 226 -18.70 17.94 7.40
CA GLY A 226 -18.69 16.69 8.15
C GLY A 226 -19.17 15.48 7.36
N SER A 227 -20.28 15.60 6.62
CA SER A 227 -20.60 14.81 5.43
C SER A 227 -22.01 15.18 5.01
N GLN A 228 -22.48 14.63 3.89
CA GLN A 228 -23.91 14.59 3.66
C GLN A 228 -24.57 13.45 4.41
N ARG A 229 -23.80 12.63 5.12
CA ARG A 229 -24.31 11.58 6.00
C ARG A 229 -25.20 10.60 5.24
N ASP A 230 -24.70 10.13 4.11
CA ASP A 230 -25.44 9.16 3.31
C ASP A 230 -25.52 7.82 4.04
N LYS A 231 -26.73 7.28 4.17
CA LYS A 231 -26.91 6.02 4.84
C LYS A 231 -26.18 4.86 4.17
N ARG A 232 -25.72 5.03 2.93
CA ARG A 232 -24.94 4.01 2.26
C ARG A 232 -23.56 3.84 2.91
N TRP A 233 -22.95 4.96 3.29
CA TRP A 233 -21.54 4.97 3.69
C TRP A 233 -21.26 5.57 5.05
N VAL A 234 -22.21 6.24 5.68
CA VAL A 234 -21.97 6.97 6.93
C VAL A 234 -22.88 6.38 8.01
N ASP A 235 -22.28 6.01 9.13
CA ASP A 235 -23.08 5.51 10.24
C ASP A 235 -23.87 6.65 10.86
N PRO A 236 -25.20 6.54 10.90
CA PRO A 236 -26.01 7.59 11.54
C PRO A 236 -25.72 7.78 13.02
N ASN A 237 -25.03 6.83 13.66
CA ASN A 237 -24.64 6.98 15.06
C ASN A 237 -23.42 7.88 15.24
N SER A 238 -22.71 8.21 14.16
CA SER A 238 -21.52 9.03 14.27
C SER A 238 -21.90 10.45 14.71
N PRO A 239 -21.02 11.13 15.44
CA PRO A 239 -21.34 12.50 15.87
C PRO A 239 -21.50 13.44 14.68
N VAL A 240 -22.39 14.41 14.83
CA VAL A 240 -22.64 15.41 13.81
C VAL A 240 -21.63 16.54 13.99
N LEU A 241 -20.71 16.68 13.04
CA LEU A 241 -19.57 17.59 13.20
C LEU A 241 -20.03 19.01 13.53
N LEU A 242 -21.07 19.48 12.88
CA LEU A 242 -21.52 20.86 13.09
C LEU A 242 -22.25 21.06 14.41
N GLU A 243 -22.58 19.99 15.13
CA GLU A 243 -23.11 20.10 16.48
C GLU A 243 -22.02 19.98 17.55
N ASP A 244 -20.76 20.04 17.15
CA ASP A 244 -19.67 19.87 18.09
C ASP A 244 -19.66 21.00 19.11
N PRO A 245 -19.39 20.71 20.39
CA PRO A 245 -19.39 21.78 21.40
C PRO A 245 -18.38 22.88 21.14
N VAL A 246 -17.16 22.53 20.74
CA VAL A 246 -16.12 23.53 20.56
C VAL A 246 -16.41 24.40 19.34
N LEU A 247 -16.86 23.77 18.24
CA LEU A 247 -17.17 24.55 17.06
C LEU A 247 -18.35 25.50 17.30
N CYS A 248 -19.32 25.06 18.09
CA CYS A 248 -20.47 25.91 18.37
C CYS A 248 -20.11 27.05 19.32
N ALA A 249 -19.23 26.79 20.29
CA ALA A 249 -18.77 27.85 21.18
C ALA A 249 -17.96 28.89 20.43
N LEU A 250 -17.15 28.45 19.46
CA LEU A 250 -16.40 29.40 18.64
C LEU A 250 -17.32 30.20 17.73
N ALA A 251 -18.37 29.55 17.22
CA ALA A 251 -19.36 30.26 16.42
C ALA A 251 -20.02 31.37 17.22
N LYS A 252 -20.37 31.10 18.48
CA LYS A 252 -20.95 32.12 19.32
C LYS A 252 -19.94 33.22 19.64
N LYS A 253 -18.68 32.83 19.85
CA LYS A 253 -17.65 33.82 20.19
C LYS A 253 -17.45 34.81 19.04
N HIS A 254 -17.39 34.31 17.81
CA HIS A 254 -17.16 35.15 16.64
C HIS A 254 -18.44 35.70 16.03
N LYS A 255 -19.61 35.33 16.58
CA LYS A 255 -20.90 35.67 15.98
C LYS A 255 -20.98 35.17 14.53
N ARG A 256 -20.49 33.96 14.32
CA ARG A 256 -20.54 33.27 13.02
C ARG A 256 -21.32 31.97 13.20
N THR A 257 -21.31 31.15 12.17
CA THR A 257 -21.94 29.84 12.26
C THR A 257 -20.89 28.76 12.45
N PRO A 258 -21.26 27.58 12.97
CA PRO A 258 -20.28 26.50 13.10
C PRO A 258 -19.67 26.07 11.79
N ALA A 259 -20.43 26.16 10.68
CA ALA A 259 -19.87 25.82 9.38
C ALA A 259 -18.79 26.79 8.95
N LEU A 260 -18.95 28.08 9.24
CA LEU A 260 -17.94 29.05 8.89
C LEU A 260 -16.66 28.86 9.70
N ILE A 261 -16.78 28.37 10.94
CA ILE A 261 -15.59 28.06 11.72
C ILE A 261 -14.87 26.85 11.13
N ALA A 262 -15.62 25.82 10.74
CA ALA A 262 -14.99 24.64 10.15
C ALA A 262 -14.31 24.95 8.83
N LEU A 263 -14.85 25.91 8.07
CA LEU A 263 -14.24 26.29 6.80
C LEU A 263 -13.04 27.21 7.01
N ARG A 264 -13.16 28.19 7.91
CA ARG A 264 -12.04 29.08 8.19
C ARG A 264 -10.87 28.31 8.79
N TYR A 265 -11.15 27.24 9.54
CA TYR A 265 -10.08 26.41 10.11
C TYR A 265 -9.17 25.85 9.02
N GLN A 266 -9.75 25.39 7.91
CA GLN A 266 -8.93 24.82 6.84
C GLN A 266 -8.12 25.89 6.12
N LEU A 267 -8.72 27.04 5.85
CA LEU A 267 -8.01 28.09 5.13
C LEU A 267 -6.78 28.55 5.91
N GLN A 268 -6.88 28.63 7.24
CA GLN A 268 -5.78 29.14 8.03
C GLN A 268 -4.67 28.12 8.24
N ARG A 269 -4.89 26.84 7.90
CA ARG A 269 -3.81 25.86 7.94
C ARG A 269 -3.35 25.45 6.54
N GLY A 270 -3.69 26.25 5.53
CA GLY A 270 -3.16 26.01 4.19
C GLY A 270 -3.88 24.93 3.41
N VAL A 271 -5.15 24.67 3.72
CA VAL A 271 -5.94 23.64 3.05
C VAL A 271 -7.01 24.31 2.22
N VAL A 272 -7.05 23.99 0.93
CA VAL A 272 -8.16 24.41 0.07
C VAL A 272 -9.39 23.62 0.45
N VAL A 273 -10.50 24.32 0.68
CA VAL A 273 -11.67 23.72 1.31
C VAL A 273 -12.85 23.77 0.34
N LEU A 274 -13.56 22.66 0.22
CA LEU A 274 -14.82 22.60 -0.52
C LEU A 274 -15.98 22.67 0.47
N ALA A 275 -17.14 23.07 -0.06
CA ALA A 275 -18.35 23.13 0.75
C ALA A 275 -19.54 22.91 -0.17
N LYS A 276 -20.22 21.78 0.02
CA LYS A 276 -21.45 21.54 -0.70
C LYS A 276 -22.62 22.21 0.02
N SER A 277 -23.50 22.84 -0.75
CA SER A 277 -24.78 23.29 -0.22
C SER A 277 -25.73 23.43 -1.39
N TYR A 278 -26.94 22.89 -1.22
CA TYR A 278 -28.02 23.08 -2.19
C TYR A 278 -29.06 24.07 -1.67
N ASN A 279 -28.70 24.88 -0.68
CA ASN A 279 -29.59 25.86 -0.08
C ASN A 279 -29.08 27.24 -0.42
N GLU A 280 -29.95 28.08 -1.00
CA GLU A 280 -29.59 29.43 -1.41
C GLU A 280 -28.93 30.22 -0.28
N GLN A 281 -29.54 30.15 0.90
CA GLN A 281 -29.06 30.96 2.01
C GLN A 281 -27.69 30.48 2.50
N ARG A 282 -27.49 29.17 2.57
CA ARG A 282 -26.24 28.64 3.09
C ARG A 282 -25.10 28.76 2.10
N ILE A 283 -25.40 28.69 0.80
CA ILE A 283 -24.39 28.97 -0.23
C ILE A 283 -23.87 30.39 -0.07
N ARG A 284 -24.78 31.37 0.06
CA ARG A 284 -24.36 32.75 0.24
C ARG A 284 -23.61 32.93 1.55
N GLN A 285 -24.02 32.21 2.59
CA GLN A 285 -23.37 32.33 3.89
C GLN A 285 -21.94 31.78 3.84
N ASN A 286 -21.69 30.75 3.03
CA ASN A 286 -20.40 30.08 3.06
C ASN A 286 -19.28 30.97 2.51
N VAL A 287 -19.60 31.91 1.61
CA VAL A 287 -18.58 32.82 1.12
C VAL A 287 -18.16 33.86 2.15
N GLN A 288 -18.86 33.94 3.28
CA GLN A 288 -18.43 34.83 4.36
C GLN A 288 -17.19 34.33 5.07
N VAL A 289 -16.64 33.19 4.67
CA VAL A 289 -15.46 32.63 5.32
C VAL A 289 -14.26 33.57 5.20
N PHE A 290 -14.23 34.40 4.15
CA PHE A 290 -13.14 35.34 3.95
C PHE A 290 -13.27 36.60 4.79
N GLU A 291 -14.36 36.75 5.55
CA GLU A 291 -14.64 38.00 6.25
C GLU A 291 -14.02 38.08 7.64
N PHE A 292 -13.70 36.97 8.26
CA PHE A 292 -13.23 36.97 9.64
C PHE A 292 -12.04 36.04 9.78
N GLN A 293 -11.41 36.09 10.96
CA GLN A 293 -10.23 35.30 11.24
C GLN A 293 -10.38 34.60 12.59
N LEU A 294 -9.68 33.48 12.73
CA LEU A 294 -9.58 32.78 14.00
C LEU A 294 -8.24 33.09 14.66
N THR A 295 -8.24 33.13 15.98
CA THR A 295 -7.01 33.35 16.73
C THR A 295 -6.24 32.04 16.89
N ALA A 296 -4.99 32.17 17.35
CA ALA A 296 -4.17 30.99 17.61
C ALA A 296 -4.81 30.09 18.67
N GLU A 297 -5.50 30.68 19.64
CA GLU A 297 -6.21 29.87 20.63
C GLU A 297 -7.40 29.17 20.01
N ASP A 298 -8.15 29.87 19.14
CA ASP A 298 -9.24 29.21 18.41
C ASP A 298 -8.73 27.99 17.64
N MET A 299 -7.55 28.10 17.04
CA MET A 299 -7.09 27.05 16.14
C MET A 299 -6.65 25.80 16.91
N LYS A 300 -6.08 25.97 18.11
CA LYS A 300 -5.73 24.76 18.87
C LYS A 300 -7.00 24.15 19.49
N ALA A 301 -7.99 24.97 19.85
CA ALA A 301 -9.27 24.39 20.27
C ALA A 301 -9.79 23.43 19.21
N ILE A 302 -9.74 23.82 17.94
CA ILE A 302 -10.26 22.98 16.87
C ILE A 302 -9.34 21.80 16.61
N ASP A 303 -8.02 22.01 16.70
CA ASP A 303 -7.06 20.93 16.50
C ASP A 303 -7.25 19.83 17.54
N GLY A 304 -7.71 20.19 18.74
CA GLY A 304 -7.95 19.20 19.78
C GLY A 304 -9.14 18.31 19.54
N LEU A 305 -9.92 18.55 18.50
CA LEU A 305 -11.09 17.74 18.18
C LEU A 305 -10.74 16.51 17.35
N ASP A 306 -9.51 16.40 16.85
CA ASP A 306 -9.14 15.30 15.97
C ASP A 306 -9.31 13.96 16.67
N ARG A 307 -10.09 13.08 16.07
CA ARG A 307 -10.36 11.78 16.70
C ARG A 307 -10.30 10.63 15.70
N ASN A 308 -9.64 10.83 14.55
CA ASN A 308 -9.46 9.78 13.55
C ASN A 308 -10.81 9.20 13.12
N LEU A 309 -11.75 10.09 12.83
CA LEU A 309 -13.11 9.70 12.46
C LEU A 309 -13.36 10.13 11.02
N HIS A 310 -13.27 9.18 10.09
CA HIS A 310 -13.66 9.40 8.71
C HIS A 310 -15.12 8.95 8.57
N TYR A 311 -15.98 9.86 8.10
CA TYR A 311 -17.41 9.61 8.03
C TYR A 311 -17.73 8.50 7.04
N PHE A 312 -17.04 8.50 5.90
CA PHE A 312 -17.16 7.40 4.95
C PHE A 312 -16.50 6.18 5.57
N ASN A 313 -17.31 5.22 6.05
CA ASN A 313 -16.78 4.01 6.66
C ASN A 313 -17.71 2.86 6.30
N SER A 314 -17.33 2.16 5.23
CA SER A 314 -18.11 1.05 4.71
C SER A 314 -17.18 -0.07 4.28
N ASP A 315 -17.63 -1.31 4.49
CA ASP A 315 -16.81 -2.47 4.14
C ASP A 315 -16.45 -2.52 2.66
N SER A 316 -17.24 -1.89 1.80
CA SER A 316 -16.90 -1.84 0.38
C SER A 316 -15.57 -1.13 0.16
N PHE A 317 -15.32 -0.04 0.89
CA PHE A 317 -14.02 0.61 0.82
C PHE A 317 -12.98 -0.19 1.60
N ALA A 318 -13.27 -0.52 2.86
CA ALA A 318 -12.29 -1.08 3.78
C ALA A 318 -11.84 -2.48 3.41
N SER A 319 -12.49 -3.14 2.44
CA SER A 319 -12.04 -4.44 1.98
C SER A 319 -11.10 -4.35 0.78
N HIS A 320 -10.95 -3.17 0.18
CA HIS A 320 -10.15 -3.04 -1.02
C HIS A 320 -8.67 -3.10 -0.69
N PRO A 321 -7.85 -3.77 -1.53
CA PRO A 321 -6.41 -3.87 -1.23
C PRO A 321 -5.70 -2.52 -1.17
N ASN A 322 -6.18 -1.51 -1.89
CA ASN A 322 -5.53 -0.20 -1.85
C ASN A 322 -6.30 0.82 -1.03
N TYR A 323 -7.19 0.34 -0.15
CA TYR A 323 -7.85 1.17 0.84
C TYR A 323 -6.85 2.10 1.52
N PRO A 324 -7.04 3.42 1.47
CA PRO A 324 -5.99 4.33 1.98
C PRO A 324 -5.93 4.42 3.50
N TYR A 325 -6.96 3.98 4.21
CA TYR A 325 -7.01 4.12 5.69
C TYR A 325 -6.70 2.81 6.42
N SER A 326 -7.00 2.88 7.71
CA SER A 326 -6.83 1.81 8.72
C SER A 326 -8.17 1.62 9.46
N GLN B 12 5.04 -34.32 1.45
CA GLN B 12 6.36 -33.70 1.47
C GLN B 12 6.40 -32.52 2.44
N CYS B 13 6.00 -32.77 3.69
CA CYS B 13 5.91 -31.72 4.69
C CYS B 13 6.65 -32.13 5.96
N VAL B 14 7.00 -31.12 6.75
CA VAL B 14 7.56 -31.30 8.09
C VAL B 14 6.55 -30.73 9.09
N LYS B 15 6.41 -31.40 10.23
CA LYS B 15 5.51 -30.92 11.27
C LYS B 15 6.20 -29.86 12.13
N LEU B 16 5.54 -28.72 12.31
CA LEU B 16 6.06 -27.61 13.11
C LEU B 16 5.76 -27.85 14.59
N ASN B 17 6.16 -26.90 15.45
CA ASN B 17 5.95 -27.02 16.89
C ASN B 17 4.58 -26.57 17.36
N ASP B 18 3.71 -26.12 16.47
CA ASP B 18 2.36 -25.76 16.89
C ASP B 18 1.35 -26.72 16.28
N GLY B 19 1.82 -27.83 15.71
CA GLY B 19 0.97 -28.85 15.15
C GLY B 19 0.79 -28.75 13.66
N HIS B 20 1.05 -27.58 13.07
CA HIS B 20 0.83 -27.39 11.64
C HIS B 20 1.95 -28.03 10.83
N PHE B 21 1.78 -28.02 9.51
CA PHE B 21 2.70 -28.67 8.59
C PHE B 21 3.15 -27.67 7.53
N MET B 22 4.41 -27.77 7.14
CA MET B 22 5.02 -26.85 6.17
C MET B 22 5.64 -27.68 5.06
N PRO B 23 5.24 -27.50 3.80
CA PRO B 23 5.91 -28.20 2.70
C PRO B 23 7.39 -27.85 2.65
N VAL B 24 8.22 -28.87 2.46
CA VAL B 24 9.66 -28.69 2.59
C VAL B 24 10.29 -27.97 1.42
N LEU B 25 9.56 -27.83 0.30
CA LEU B 25 10.01 -27.05 -0.84
C LEU B 25 9.10 -25.86 -1.02
N GLY B 26 9.68 -24.66 -1.10
CA GLY B 26 8.90 -23.45 -1.21
C GLY B 26 9.32 -22.62 -2.41
N PHE B 27 8.39 -21.80 -2.89
CA PHE B 27 8.62 -20.93 -4.03
C PHE B 27 8.94 -19.51 -3.56
N GLY B 28 10.12 -19.01 -3.92
CA GLY B 28 10.46 -17.63 -3.64
C GLY B 28 9.88 -16.72 -4.72
N THR B 29 9.27 -15.62 -4.28
CA THR B 29 8.54 -14.75 -5.20
C THR B 29 9.17 -13.39 -5.40
N TYR B 30 10.25 -13.07 -4.69
CA TYR B 30 10.82 -11.73 -4.82
C TYR B 30 11.51 -11.57 -6.17
N ALA B 31 11.25 -10.45 -6.83
CA ALA B 31 11.94 -10.00 -8.02
C ALA B 31 12.32 -8.54 -7.84
N PRO B 32 13.41 -8.10 -8.46
CA PRO B 32 13.81 -6.69 -8.35
C PRO B 32 12.72 -5.77 -8.86
N PRO B 33 12.67 -4.52 -8.39
CA PRO B 33 11.60 -3.60 -8.83
C PRO B 33 11.65 -3.29 -10.31
N GLU B 34 12.71 -3.70 -10.99
CA GLU B 34 12.82 -3.44 -12.45
C GLU B 34 12.03 -4.52 -13.21
N VAL B 35 11.50 -5.53 -12.52
CA VAL B 35 10.65 -6.56 -13.12
C VAL B 35 9.20 -6.13 -12.89
N PRO B 36 8.38 -6.03 -13.93
CA PRO B 36 6.98 -5.62 -13.73
C PRO B 36 6.24 -6.59 -12.80
N ARG B 37 5.31 -6.03 -12.03
CA ARG B 37 4.57 -6.81 -11.04
C ARG B 37 3.69 -7.88 -11.67
N SER B 38 3.39 -7.76 -12.97
CA SER B 38 2.50 -8.74 -13.60
C SER B 38 3.13 -10.13 -13.65
N LYS B 39 4.47 -10.21 -13.66
CA LYS B 39 5.04 -11.55 -13.83
C LYS B 39 5.01 -12.35 -12.54
N ALA B 40 5.02 -11.70 -11.36
CA ALA B 40 4.80 -12.43 -10.12
C ALA B 40 3.46 -13.17 -10.15
N LEU B 41 2.44 -12.54 -10.74
CA LEU B 41 1.15 -13.22 -10.88
C LEU B 41 1.28 -14.44 -11.78
N GLU B 42 2.00 -14.30 -12.91
CA GLU B 42 2.14 -15.39 -13.85
C GLU B 42 2.97 -16.53 -13.27
N VAL B 43 4.12 -16.20 -12.66
CA VAL B 43 5.05 -17.25 -12.24
C VAL B 43 4.53 -17.97 -11.00
N THR B 44 3.75 -17.30 -10.16
CA THR B 44 3.18 -17.98 -9.00
C THR B 44 2.18 -19.04 -9.43
N LYS B 45 1.35 -18.73 -10.43
CA LYS B 45 0.46 -19.75 -10.98
C LYS B 45 1.24 -20.90 -11.60
N LEU B 46 2.35 -20.58 -12.28
CA LEU B 46 3.19 -21.63 -12.87
C LEU B 46 3.82 -22.50 -11.78
N ALA B 47 4.25 -21.88 -10.68
CA ALA B 47 4.83 -22.65 -9.59
C ALA B 47 3.81 -23.60 -9.00
N ILE B 48 2.57 -23.13 -8.83
CA ILE B 48 1.52 -24.00 -8.30
C ILE B 48 1.17 -25.08 -9.31
N GLU B 49 1.17 -24.74 -10.61
CA GLU B 49 0.94 -25.74 -11.63
C GLU B 49 2.00 -26.84 -11.58
N ALA B 50 3.26 -26.46 -11.34
CA ALA B 50 4.36 -27.42 -11.31
C ALA B 50 4.36 -28.29 -10.06
N GLY B 51 3.67 -27.87 -9.00
CA GLY B 51 3.57 -28.69 -7.80
C GLY B 51 3.94 -27.97 -6.51
N PHE B 52 4.39 -26.72 -6.60
CA PHE B 52 4.69 -25.96 -5.39
C PHE B 52 3.42 -25.73 -4.59
N ARG B 53 3.48 -26.02 -3.29
CA ARG B 53 2.39 -25.71 -2.37
C ARG B 53 2.80 -24.75 -1.26
N HIS B 54 4.09 -24.40 -1.18
CA HIS B 54 4.60 -23.44 -0.22
C HIS B 54 5.06 -22.21 -1.00
N ILE B 55 4.50 -21.05 -0.67
CA ILE B 55 4.78 -19.81 -1.40
C ILE B 55 5.27 -18.76 -0.40
N ASP B 56 6.46 -18.22 -0.64
CA ASP B 56 7.11 -17.30 0.28
C ASP B 56 7.04 -15.88 -0.26
N SER B 57 6.43 -14.99 0.52
CA SER B 57 6.34 -13.58 0.15
C SER B 57 6.64 -12.73 1.38
N ALA B 58 6.48 -11.42 1.24
CA ALA B 58 6.73 -10.47 2.31
C ALA B 58 6.18 -9.11 1.88
N HIS B 59 5.86 -8.29 2.88
CA HIS B 59 5.41 -6.93 2.59
C HIS B 59 6.48 -6.15 1.83
N LEU B 60 7.75 -6.40 2.13
CA LEU B 60 8.85 -5.72 1.45
C LEU B 60 8.91 -6.06 -0.04
N TYR B 61 8.40 -7.23 -0.44
CA TYR B 61 8.55 -7.68 -1.82
C TYR B 61 7.63 -6.93 -2.79
N ASN B 62 6.68 -6.15 -2.29
CA ASN B 62 5.78 -5.35 -3.13
C ASN B 62 5.10 -6.19 -4.20
N ASN B 63 4.71 -7.42 -3.83
CA ASN B 63 4.03 -8.29 -4.77
C ASN B 63 2.86 -9.07 -4.17
N GLU B 64 2.50 -8.83 -2.91
CA GLU B 64 1.50 -9.67 -2.25
C GLU B 64 0.16 -9.62 -2.96
N GLU B 65 -0.20 -8.45 -3.51
CA GLU B 65 -1.41 -8.38 -4.32
C GLU B 65 -1.34 -9.34 -5.49
N GLN B 66 -0.17 -9.50 -6.10
CA GLN B 66 -0.03 -10.41 -7.23
C GLN B 66 0.02 -11.86 -6.75
N VAL B 67 0.83 -12.12 -5.73
CA VAL B 67 0.95 -13.48 -5.21
C VAL B 67 -0.40 -13.99 -4.71
N GLY B 68 -1.12 -13.15 -3.97
CA GLY B 68 -2.47 -13.48 -3.54
C GLY B 68 -3.37 -13.84 -4.70
N LEU B 69 -3.50 -12.93 -5.68
CA LEU B 69 -4.39 -13.15 -6.81
C LEU B 69 -4.12 -14.49 -7.50
N ALA B 70 -2.83 -14.83 -7.66
CA ALA B 70 -2.45 -16.10 -8.27
C ALA B 70 -2.94 -17.28 -7.43
N ILE B 71 -2.76 -17.19 -6.11
CA ILE B 71 -3.34 -18.20 -5.22
C ILE B 71 -4.86 -18.21 -5.35
N ARG B 72 -5.47 -17.01 -5.41
CA ARG B 72 -6.90 -16.87 -5.66
C ARG B 72 -7.29 -17.58 -6.95
N SER B 73 -6.60 -17.25 -8.05
CA SER B 73 -6.97 -17.81 -9.34
C SER B 73 -6.81 -19.33 -9.37
N LYS B 74 -5.76 -19.85 -8.73
CA LYS B 74 -5.52 -21.28 -8.69
C LYS B 74 -6.48 -22.02 -7.75
N ILE B 75 -7.23 -21.31 -6.91
CA ILE B 75 -8.31 -21.91 -6.13
C ILE B 75 -9.60 -21.88 -6.94
N ALA B 76 -9.80 -20.80 -7.67
CA ALA B 76 -11.02 -20.58 -8.48
C ALA B 76 -11.04 -21.59 -9.61
N ASP B 77 -9.87 -21.90 -10.15
CA ASP B 77 -9.72 -22.89 -11.25
C ASP B 77 -10.08 -24.30 -10.77
N GLY B 78 -9.92 -24.61 -9.49
CA GLY B 78 -10.23 -25.93 -8.95
C GLY B 78 -9.00 -26.81 -8.83
N SER B 79 -7.82 -26.28 -9.18
CA SER B 79 -6.61 -27.10 -9.12
C SER B 79 -6.16 -27.33 -7.68
N VAL B 80 -6.32 -26.33 -6.80
CA VAL B 80 -5.94 -26.44 -5.40
C VAL B 80 -7.02 -25.80 -4.55
N LYS B 81 -7.06 -26.22 -3.29
CA LYS B 81 -7.87 -25.57 -2.27
C LYS B 81 -6.98 -24.72 -1.37
N ARG B 82 -7.60 -23.81 -0.62
CA ARG B 82 -6.84 -22.92 0.25
C ARG B 82 -6.02 -23.71 1.27
N GLU B 83 -6.62 -24.74 1.88
CA GLU B 83 -5.92 -25.56 2.85
C GLU B 83 -4.72 -26.28 2.26
N ASP B 84 -4.63 -26.39 0.94
CA ASP B 84 -3.51 -27.05 0.29
C ASP B 84 -2.33 -26.12 0.07
N ILE B 85 -2.50 -24.82 0.28
CA ILE B 85 -1.46 -23.83 0.00
C ILE B 85 -0.88 -23.34 1.33
N PHE B 86 0.45 -23.27 1.39
CA PHE B 86 1.17 -22.72 2.53
C PHE B 86 1.76 -21.38 2.10
N TYR B 87 1.16 -20.30 2.58
CA TYR B 87 1.57 -18.95 2.18
C TYR B 87 2.23 -18.24 3.35
N THR B 88 3.40 -17.64 3.09
CA THR B 88 4.19 -16.94 4.09
C THR B 88 4.25 -15.46 3.75
N SER B 89 4.03 -14.62 4.75
CA SER B 89 4.35 -13.20 4.67
C SER B 89 5.29 -12.85 5.82
N LYS B 90 5.83 -11.64 5.80
CA LYS B 90 6.80 -11.22 6.80
C LYS B 90 6.52 -9.79 7.24
N LEU B 91 6.68 -9.55 8.54
CA LEU B 91 6.57 -8.21 9.11
C LEU B 91 7.86 -7.44 8.84
N TRP B 92 7.77 -6.33 8.14
CA TRP B 92 8.98 -5.58 7.83
C TRP B 92 9.49 -4.83 9.07
N SER B 93 10.76 -4.43 9.02
CA SER B 93 11.50 -3.93 10.17
C SER B 93 11.01 -2.56 10.64
N THR B 94 10.38 -1.76 9.77
CA THR B 94 9.86 -0.48 10.22
C THR B 94 8.60 -0.62 11.07
N PHE B 95 8.07 -1.83 11.23
CA PHE B 95 6.86 -2.07 11.99
C PHE B 95 7.14 -2.94 13.23
N HIS B 96 8.34 -2.83 13.80
CA HIS B 96 8.71 -3.67 14.92
C HIS B 96 8.00 -3.26 16.21
N ARG B 97 7.66 -1.99 16.36
CA ARG B 97 6.98 -1.60 17.58
C ARG B 97 5.66 -2.35 17.69
N PRO B 98 5.32 -2.83 18.89
CA PRO B 98 4.23 -3.83 19.01
C PRO B 98 2.90 -3.34 18.46
N GLU B 99 2.60 -2.06 18.59
CA GLU B 99 1.34 -1.47 18.13
C GLU B 99 1.15 -1.59 16.62
N LEU B 100 2.23 -1.79 15.88
CA LEU B 100 2.21 -1.83 14.43
C LEU B 100 2.21 -3.24 13.87
N VAL B 101 2.26 -4.27 14.72
CA VAL B 101 2.47 -5.62 14.23
C VAL B 101 1.20 -6.18 13.59
N ARG B 102 0.07 -6.10 14.29
CA ARG B 102 -1.19 -6.58 13.72
C ARG B 102 -1.66 -5.71 12.55
N PRO B 103 -1.58 -4.37 12.63
CA PRO B 103 -1.93 -3.56 11.45
C PRO B 103 -1.16 -3.94 10.20
N ALA B 104 0.15 -4.18 10.32
CA ALA B 104 0.96 -4.55 9.17
C ALA B 104 0.57 -5.92 8.63
N LEU B 105 0.20 -6.85 9.52
CA LEU B 105 -0.29 -8.15 9.07
C LEU B 105 -1.63 -7.99 8.36
N GLU B 106 -2.56 -7.24 8.97
CA GLU B 106 -3.86 -7.02 8.34
C GLU B 106 -3.72 -6.39 6.96
N ASN B 107 -2.74 -5.49 6.80
CA ASN B 107 -2.47 -4.91 5.49
C ASN B 107 -2.06 -5.97 4.49
N SER B 108 -1.20 -6.91 4.91
CA SER B 108 -0.74 -7.96 4.00
C SER B 108 -1.89 -8.88 3.60
N LEU B 109 -2.72 -9.27 4.57
CA LEU B 109 -3.91 -10.06 4.24
C LEU B 109 -4.81 -9.31 3.26
N LYS B 110 -4.93 -7.99 3.43
CA LYS B 110 -5.83 -7.19 2.62
C LYS B 110 -5.32 -7.06 1.19
N LYS B 111 -4.01 -6.94 1.01
CA LYS B 111 -3.46 -6.92 -0.35
C LYS B 111 -3.61 -8.28 -1.02
N ALA B 112 -3.35 -9.36 -0.29
CA ALA B 112 -3.48 -10.69 -0.85
C ALA B 112 -4.93 -11.16 -0.97
N GLN B 113 -5.86 -10.46 -0.34
CA GLN B 113 -7.26 -10.88 -0.27
C GLN B 113 -7.37 -12.29 0.28
N LEU B 114 -6.70 -12.54 1.40
CA LEU B 114 -6.74 -13.80 2.10
C LEU B 114 -7.25 -13.58 3.52
N ASP B 115 -7.87 -14.63 4.08
CA ASP B 115 -8.36 -14.55 5.44
C ASP B 115 -7.28 -14.83 6.49
N TYR B 116 -6.24 -15.56 6.11
CA TYR B 116 -5.16 -15.88 7.02
C TYR B 116 -3.90 -16.17 6.21
N VAL B 117 -2.75 -16.00 6.85
CA VAL B 117 -1.49 -16.50 6.31
C VAL B 117 -1.12 -17.75 7.08
N ASP B 118 -0.46 -18.68 6.39
CA ASP B 118 -0.02 -19.90 7.07
C ASP B 118 1.14 -19.62 7.99
N LEU B 119 1.96 -18.63 7.67
CA LEU B 119 3.17 -18.33 8.43
C LEU B 119 3.44 -16.85 8.35
N TYR B 120 3.69 -16.23 9.51
CA TYR B 120 4.06 -14.82 9.60
C TYR B 120 5.40 -14.72 10.29
N LEU B 121 6.34 -13.99 9.68
CA LEU B 121 7.71 -13.92 10.16
C LEU B 121 8.09 -12.49 10.53
N ILE B 122 8.87 -12.36 11.59
CA ILE B 122 9.67 -11.15 11.75
C ILE B 122 10.75 -11.18 10.68
N HIS B 123 10.68 -10.25 9.72
CA HIS B 123 11.55 -10.33 8.54
C HIS B 123 13.03 -10.26 8.92
N SER B 124 13.36 -9.45 9.93
CA SER B 124 14.76 -9.22 10.28
C SER B 124 14.82 -8.63 11.68
N PRO B 125 15.87 -8.92 12.44
CA PRO B 125 16.00 -8.31 13.78
C PRO B 125 16.46 -6.86 13.77
N MET B 126 16.84 -6.33 12.61
CA MET B 126 17.39 -4.97 12.53
C MET B 126 16.23 -3.99 12.39
N SER B 127 15.76 -3.49 13.53
CA SER B 127 14.65 -2.53 13.54
C SER B 127 15.05 -1.23 12.85
N LEU B 128 14.08 -0.62 12.16
CA LEU B 128 14.30 0.63 11.46
C LEU B 128 13.28 1.67 11.93
N LYS B 129 13.57 2.92 11.62
CA LYS B 129 12.70 4.03 12.00
C LYS B 129 11.28 3.81 11.47
N PRO B 130 10.27 3.87 12.32
CA PRO B 130 8.90 3.61 11.86
C PRO B 130 8.37 4.73 10.96
N GLY B 131 7.53 4.32 10.02
CA GLY B 131 6.93 5.27 9.09
C GLY B 131 6.32 4.53 7.92
N GLU B 132 6.01 5.28 6.86
CA GLU B 132 5.59 4.66 5.62
C GLU B 132 6.76 4.31 4.71
N GLU B 133 7.91 4.94 4.91
CA GLU B 133 9.09 4.66 4.11
C GLU B 133 9.74 3.36 4.57
N LEU B 134 9.91 2.42 3.63
CA LEU B 134 10.49 1.13 3.96
C LEU B 134 12.00 1.21 4.15
N SER B 135 12.66 2.17 3.50
CA SER B 135 14.09 2.39 3.63
C SER B 135 14.31 3.81 4.14
N PRO B 136 13.98 4.08 5.40
CA PRO B 136 14.06 5.46 5.91
C PRO B 136 15.49 5.97 5.88
N THR B 137 15.69 7.09 5.21
CA THR B 137 16.99 7.74 5.09
C THR B 137 16.95 9.11 5.74
N VAL B 143 20.71 5.02 6.44
CA VAL B 143 19.53 4.28 6.87
C VAL B 143 19.36 4.46 8.37
N ILE B 144 18.19 4.94 8.78
CA ILE B 144 17.96 5.33 10.17
C ILE B 144 17.49 4.10 10.94
N PHE B 145 18.23 3.74 11.99
CA PHE B 145 17.89 2.57 12.79
C PHE B 145 16.90 2.95 13.88
N ASP B 146 16.35 1.91 14.52
CA ASP B 146 15.48 2.05 15.68
C ASP B 146 15.89 1.03 16.72
N ILE B 147 15.49 1.27 17.97
CA ILE B 147 15.78 0.37 19.08
C ILE B 147 14.44 -0.11 19.64
N VAL B 148 14.16 -1.41 19.46
CA VAL B 148 12.93 -2.02 19.94
C VAL B 148 13.28 -3.29 20.69
N ASP B 149 12.60 -3.52 21.81
CA ASP B 149 12.63 -4.82 22.47
C ASP B 149 11.91 -5.82 21.59
N LEU B 150 12.67 -6.70 20.92
CA LEU B 150 12.07 -7.67 20.02
C LEU B 150 11.26 -8.74 20.75
N CYS B 151 11.36 -8.80 22.08
CA CYS B 151 10.45 -9.67 22.82
C CYS B 151 9.04 -9.09 22.83
N THR B 152 8.92 -7.76 22.80
CA THR B 152 7.59 -7.13 22.80
C THR B 152 6.88 -7.33 21.47
N THR B 153 7.60 -7.23 20.35
CA THR B 153 6.95 -7.48 19.07
C THR B 153 6.57 -8.95 18.92
N TRP B 154 7.33 -9.85 19.55
CA TRP B 154 6.96 -11.26 19.51
C TRP B 154 5.66 -11.51 20.27
N GLU B 155 5.42 -10.79 21.37
CA GLU B 155 4.14 -10.84 22.07
C GLU B 155 3.00 -10.44 21.14
N ALA B 156 3.24 -9.38 20.36
CA ALA B 156 2.24 -8.96 19.40
C ALA B 156 2.09 -9.97 18.27
N MET B 157 3.17 -10.67 17.91
CA MET B 157 3.06 -11.77 16.95
C MET B 157 2.24 -12.92 17.53
N GLU B 158 2.49 -13.26 18.80
CA GLU B 158 1.69 -14.33 19.41
C GLU B 158 0.21 -13.94 19.46
N LYS B 159 -0.11 -12.65 19.66
CA LYS B 159 -1.49 -12.21 19.59
C LYS B 159 -2.10 -12.49 18.22
N CYS B 160 -1.31 -12.29 17.15
CA CYS B 160 -1.84 -12.53 15.81
C CYS B 160 -2.13 -14.00 15.56
N LYS B 161 -1.36 -14.90 16.17
CA LYS B 161 -1.67 -16.32 16.05
C LYS B 161 -2.91 -16.69 16.85
N ASP B 162 -3.07 -16.10 18.04
CA ASP B 162 -4.25 -16.39 18.85
C ASP B 162 -5.52 -15.91 18.17
N ALA B 163 -5.46 -14.77 17.48
CA ALA B 163 -6.64 -14.22 16.83
C ALA B 163 -6.99 -14.93 15.54
N GLY B 164 -6.05 -15.67 14.95
CA GLY B 164 -6.32 -16.44 13.74
C GLY B 164 -5.78 -15.83 12.46
N LEU B 165 -4.98 -14.76 12.54
CA LEU B 165 -4.45 -14.14 11.33
C LEU B 165 -3.27 -14.92 10.77
N ALA B 166 -2.51 -15.61 11.62
CA ALA B 166 -1.42 -16.45 11.19
C ALA B 166 -1.51 -17.79 11.92
N LYS B 167 -1.50 -18.88 11.15
CA LYS B 167 -1.55 -20.20 11.77
C LYS B 167 -0.26 -20.49 12.54
N SER B 168 0.88 -20.07 12.01
CA SER B 168 2.17 -20.21 12.67
C SER B 168 2.93 -18.90 12.56
N ILE B 169 3.78 -18.64 13.56
CA ILE B 169 4.61 -17.45 13.58
C ILE B 169 6.07 -17.88 13.71
N GLY B 170 6.97 -17.06 13.20
CA GLY B 170 8.37 -17.37 13.23
C GLY B 170 9.21 -16.14 13.00
N VAL B 171 10.52 -16.35 12.88
CA VAL B 171 11.48 -15.27 12.73
C VAL B 171 12.32 -15.53 11.48
N SER B 172 13.06 -14.50 11.07
CA SER B 172 13.93 -14.59 9.92
C SER B 172 15.19 -13.79 10.19
N ASN B 173 16.33 -14.33 9.73
CA ASN B 173 17.63 -13.69 9.85
C ASN B 173 18.09 -13.54 11.30
N PHE B 174 17.57 -14.38 12.19
CA PHE B 174 17.99 -14.39 13.59
C PHE B 174 19.22 -15.29 13.74
N ASN B 175 20.16 -14.85 14.58
CA ASN B 175 21.26 -15.71 14.97
C ASN B 175 20.89 -16.45 16.25
N ARG B 176 21.81 -17.26 16.76
CA ARG B 176 21.51 -18.10 17.94
C ARG B 176 21.14 -17.23 19.15
N ARG B 177 21.89 -16.18 19.42
CA ARG B 177 21.68 -15.33 20.60
C ARG B 177 20.30 -14.67 20.53
N GLN B 178 19.99 -14.05 19.40
CA GLN B 178 18.67 -13.42 19.23
C GLN B 178 17.55 -14.45 19.29
N LEU B 179 17.83 -15.70 18.91
CA LEU B 179 16.83 -16.75 18.99
C LEU B 179 16.53 -17.10 20.44
N GLU B 180 17.57 -17.30 21.26
CA GLU B 180 17.35 -17.64 22.66
C GLU B 180 16.76 -16.47 23.44
N MET B 181 16.96 -15.24 22.98
CA MET B 181 16.25 -14.08 23.53
C MET B 181 14.75 -14.31 23.54
N ILE B 182 14.23 -14.84 22.44
CA ILE B 182 12.80 -15.18 22.38
C ILE B 182 12.51 -16.38 23.26
N LEU B 183 13.34 -17.43 23.15
CA LEU B 183 13.07 -18.68 23.86
C LEU B 183 13.18 -18.51 25.37
N ASN B 184 14.06 -17.63 25.84
CA ASN B 184 14.23 -17.39 27.27
C ASN B 184 13.34 -16.27 27.79
N LYS B 185 12.41 -15.78 26.98
CA LYS B 185 11.57 -14.67 27.41
C LYS B 185 10.57 -15.14 28.45
N PRO B 186 10.36 -14.36 29.53
CA PRO B 186 9.38 -14.75 30.54
C PRO B 186 7.96 -14.67 30.01
N GLY B 187 7.18 -15.72 30.26
CA GLY B 187 5.82 -15.76 29.78
C GLY B 187 5.66 -16.11 28.31
N LEU B 188 6.65 -16.78 27.73
CA LEU B 188 6.57 -17.18 26.33
C LEU B 188 5.43 -18.17 26.10
N LYS B 189 4.60 -17.89 25.10
CA LYS B 189 3.46 -18.74 24.79
C LYS B 189 3.65 -19.57 23.52
N TYR B 190 4.34 -19.05 22.52
CA TYR B 190 4.58 -19.78 21.28
C TYR B 190 6.05 -19.65 20.90
N LYS B 191 6.72 -20.77 20.71
CA LYS B 191 8.06 -20.73 20.17
C LYS B 191 8.02 -20.42 18.68
N PRO B 192 9.05 -19.78 18.15
CA PRO B 192 9.13 -19.61 16.68
C PRO B 192 9.16 -20.97 16.01
N VAL B 193 8.25 -21.17 15.05
CA VAL B 193 8.20 -22.44 14.35
C VAL B 193 9.40 -22.60 13.43
N CYS B 194 10.01 -21.49 13.00
CA CYS B 194 11.08 -21.56 12.02
C CYS B 194 11.99 -20.35 12.17
N ASN B 195 13.12 -20.41 11.47
CA ASN B 195 14.06 -19.31 11.35
C ASN B 195 14.55 -19.32 9.91
N GLN B 196 14.00 -18.42 9.09
CA GLN B 196 14.42 -18.42 7.70
C GLN B 196 15.63 -17.50 7.53
N VAL B 197 16.71 -18.14 7.07
CA VAL B 197 18.03 -17.52 7.03
C VAL B 197 18.70 -17.83 5.69
N GLU B 198 19.74 -17.05 5.37
CA GLU B 198 20.55 -17.34 4.19
C GLU B 198 21.34 -18.61 4.43
N CYS B 199 21.17 -19.61 3.56
CA CYS B 199 21.76 -20.92 3.79
C CYS B 199 22.01 -21.60 2.46
N HIS B 200 23.27 -21.93 2.18
CA HIS B 200 23.68 -22.55 0.94
C HIS B 200 25.06 -23.18 1.17
N PRO B 201 25.52 -24.07 0.25
CA PRO B 201 26.78 -24.79 0.48
C PRO B 201 27.99 -23.92 0.85
N TYR B 202 27.98 -22.64 0.48
CA TYR B 202 29.06 -21.76 0.92
C TYR B 202 28.82 -21.18 2.30
N PHE B 203 27.58 -21.21 2.78
CA PHE B 203 27.16 -20.63 4.06
C PHE B 203 26.19 -21.57 4.78
N ASN B 204 26.57 -22.84 4.92
CA ASN B 204 25.58 -23.88 5.25
C ASN B 204 24.99 -23.79 6.66
N ARG B 205 25.47 -22.89 7.52
CA ARG B 205 24.84 -22.64 8.83
C ARG B 205 24.84 -23.86 9.73
N SER B 206 25.92 -24.64 9.72
CA SER B 206 25.91 -25.92 10.43
C SER B 206 25.64 -25.75 11.92
N LYS B 207 26.31 -24.78 12.55
CA LYS B 207 26.14 -24.60 14.00
C LYS B 207 24.73 -24.10 14.32
N LEU B 208 24.18 -23.20 13.51
CA LEU B 208 22.86 -22.66 13.80
C LEU B 208 21.78 -23.72 13.62
N LEU B 209 21.95 -24.61 12.63
CA LEU B 209 20.91 -25.62 12.38
C LEU B 209 20.87 -26.67 13.48
N ASP B 210 22.05 -27.09 13.96
CA ASP B 210 22.10 -27.98 15.11
C ASP B 210 21.40 -27.38 16.32
N PHE B 211 21.56 -26.08 16.53
CA PHE B 211 20.83 -25.41 17.60
C PHE B 211 19.33 -25.42 17.32
N CYS B 212 18.93 -25.13 16.08
CA CYS B 212 17.51 -25.08 15.75
C CYS B 212 16.87 -26.46 15.89
N LYS B 213 17.57 -27.51 15.48
CA LYS B 213 17.06 -28.86 15.66
C LYS B 213 16.87 -29.19 17.14
N SER B 214 17.85 -28.83 17.96
CA SER B 214 17.77 -29.10 19.40
C SER B 214 16.63 -28.33 20.04
N LYS B 215 16.34 -27.14 19.52
CA LYS B 215 15.37 -26.23 20.11
C LYS B 215 14.05 -26.22 19.37
N ASP B 216 13.68 -27.30 18.66
CA ASP B 216 12.41 -27.59 17.99
C ASP B 216 12.15 -26.71 16.76
N ILE B 217 13.10 -25.91 16.31
CA ILE B 217 12.88 -24.91 15.27
C ILE B 217 13.38 -25.41 13.92
N VAL B 218 12.58 -25.19 12.88
CA VAL B 218 12.91 -25.52 11.50
C VAL B 218 13.73 -24.39 10.89
N LEU B 219 14.82 -24.73 10.24
CA LEU B 219 15.63 -23.75 9.54
C LEU B 219 15.15 -23.72 8.09
N VAL B 220 14.76 -22.53 7.61
CA VAL B 220 14.32 -22.35 6.23
C VAL B 220 15.43 -21.61 5.49
N ALA B 221 15.86 -22.18 4.36
CA ALA B 221 16.99 -21.66 3.61
C ALA B 221 16.51 -20.73 2.51
N TYR B 222 16.98 -19.50 2.53
CA TYR B 222 16.84 -18.60 1.38
C TYR B 222 18.20 -18.39 0.75
N SER B 223 18.16 -17.93 -0.50
CA SER B 223 19.35 -17.81 -1.35
C SER B 223 20.04 -19.15 -1.45
N ALA B 224 19.25 -20.24 -1.43
CA ALA B 224 19.81 -21.58 -1.52
C ALA B 224 20.47 -21.85 -2.87
N LEU B 225 20.16 -21.04 -3.87
CA LEU B 225 20.79 -21.16 -5.19
C LEU B 225 21.83 -20.08 -5.43
N GLY B 226 22.17 -19.29 -4.40
CA GLY B 226 23.22 -18.29 -4.53
C GLY B 226 22.73 -16.86 -4.59
N SER B 227 21.42 -16.63 -4.46
CA SER B 227 20.80 -15.30 -4.52
C SER B 227 20.72 -14.77 -5.95
N GLN B 228 19.98 -13.69 -6.15
CA GLN B 228 19.81 -13.09 -7.46
C GLN B 228 20.93 -12.11 -7.76
N ARG B 229 21.89 -11.99 -6.85
CA ARG B 229 23.14 -11.22 -6.99
C ARG B 229 22.81 -9.75 -7.21
N ASP B 230 21.90 -9.24 -6.40
CA ASP B 230 21.58 -7.82 -6.52
C ASP B 230 22.82 -6.97 -6.26
N LYS B 231 23.17 -6.11 -7.21
CA LYS B 231 24.36 -5.27 -7.08
C LYS B 231 24.27 -4.31 -5.90
N ARG B 232 23.08 -4.11 -5.32
CA ARG B 232 22.95 -3.23 -4.17
C ARG B 232 23.56 -3.84 -2.91
N TRP B 233 23.53 -5.16 -2.77
CA TRP B 233 24.03 -5.80 -1.56
C TRP B 233 24.94 -7.01 -1.81
N VAL B 234 25.22 -7.37 -3.06
CA VAL B 234 26.01 -8.54 -3.37
C VAL B 234 27.20 -8.13 -4.22
N ASP B 235 28.39 -8.49 -3.79
CA ASP B 235 29.61 -8.20 -4.55
C ASP B 235 29.62 -9.02 -5.83
N PRO B 236 29.66 -8.40 -7.02
CA PRO B 236 29.73 -9.19 -8.25
C PRO B 236 31.00 -10.02 -8.38
N ASN B 237 32.01 -9.72 -7.57
CA ASN B 237 33.22 -10.53 -7.51
C ASN B 237 33.02 -11.83 -6.73
N SER B 238 31.94 -11.95 -5.98
CA SER B 238 31.70 -13.17 -5.21
C SER B 238 31.50 -14.34 -6.16
N PRO B 239 32.00 -15.53 -5.81
CA PRO B 239 31.82 -16.68 -6.70
C PRO B 239 30.35 -17.03 -6.89
N VAL B 240 30.01 -17.49 -8.09
CA VAL B 240 28.66 -17.91 -8.41
C VAL B 240 28.46 -19.32 -7.88
N LEU B 241 27.46 -19.50 -7.01
CA LEU B 241 27.32 -20.76 -6.29
C LEU B 241 27.12 -21.94 -7.24
N LEU B 242 26.20 -21.82 -8.19
CA LEU B 242 25.87 -22.93 -9.08
C LEU B 242 26.94 -23.22 -10.13
N GLU B 243 28.00 -22.41 -10.18
CA GLU B 243 29.16 -22.73 -11.00
C GLU B 243 30.27 -23.39 -10.20
N ASP B 244 29.99 -23.77 -8.95
CA ASP B 244 30.99 -24.44 -8.14
C ASP B 244 31.42 -25.75 -8.79
N PRO B 245 32.71 -26.07 -8.80
CA PRO B 245 33.16 -27.30 -9.47
C PRO B 245 32.64 -28.57 -8.81
N VAL B 246 32.46 -28.59 -7.49
CA VAL B 246 31.96 -29.78 -6.84
C VAL B 246 30.47 -29.96 -7.09
N LEU B 247 29.69 -28.88 -6.98
CA LEU B 247 28.28 -28.95 -7.30
C LEU B 247 28.06 -29.38 -8.74
N CYS B 248 28.85 -28.82 -9.67
CA CYS B 248 28.70 -29.19 -11.07
C CYS B 248 29.12 -30.64 -11.31
N ALA B 249 30.22 -31.08 -10.70
CA ALA B 249 30.65 -32.46 -10.85
C ALA B 249 29.61 -33.44 -10.30
N LEU B 250 28.98 -33.07 -9.18
CA LEU B 250 27.86 -33.81 -8.62
C LEU B 250 26.68 -33.87 -9.59
N ALA B 251 26.45 -32.72 -10.24
CA ALA B 251 25.33 -32.62 -11.18
C ALA B 251 25.53 -33.54 -12.37
N LYS B 252 26.76 -33.61 -12.90
CA LYS B 252 27.02 -34.53 -14.00
C LYS B 252 26.93 -35.97 -13.54
N LYS B 253 27.42 -36.25 -12.32
CA LYS B 253 27.44 -37.63 -11.83
C LYS B 253 26.03 -38.17 -11.66
N HIS B 254 25.12 -37.37 -11.14
CA HIS B 254 23.72 -37.77 -10.98
C HIS B 254 22.86 -37.44 -12.20
N LYS B 255 23.45 -36.82 -13.23
CA LYS B 255 22.71 -36.36 -14.40
C LYS B 255 21.56 -35.43 -13.99
N ARG B 256 21.86 -34.51 -13.08
CA ARG B 256 20.95 -33.45 -12.67
C ARG B 256 21.63 -32.10 -12.96
N THR B 257 21.02 -31.04 -12.47
CA THR B 257 21.58 -29.71 -12.58
C THR B 257 22.26 -29.30 -11.28
N PRO B 258 23.18 -28.35 -11.31
CA PRO B 258 23.77 -27.86 -10.05
C PRO B 258 22.73 -27.31 -9.08
N ALA B 259 21.65 -26.71 -9.59
CA ALA B 259 20.62 -26.21 -8.70
C ALA B 259 19.96 -27.34 -7.92
N LEU B 260 19.55 -28.41 -8.62
CA LEU B 260 18.91 -29.53 -7.94
C LEU B 260 19.82 -30.14 -6.89
N ILE B 261 21.12 -30.21 -7.17
CA ILE B 261 22.08 -30.69 -6.18
C ILE B 261 22.04 -29.81 -4.93
N ALA B 262 22.03 -28.49 -5.12
CA ALA B 262 22.02 -27.57 -4.00
C ALA B 262 20.72 -27.65 -3.22
N LEU B 263 19.60 -27.85 -3.91
CA LEU B 263 18.32 -27.98 -3.22
C LEU B 263 18.22 -29.32 -2.49
N ARG B 264 18.72 -30.38 -3.13
CA ARG B 264 18.73 -31.71 -2.54
C ARG B 264 19.53 -31.76 -1.24
N TYR B 265 20.71 -31.13 -1.26
CA TYR B 265 21.63 -30.99 -0.13
C TYR B 265 20.90 -30.66 1.16
N GLN B 266 20.07 -29.63 1.03
CA GLN B 266 19.40 -29.06 2.19
C GLN B 266 18.27 -29.94 2.69
N LEU B 267 17.51 -30.53 1.77
CA LEU B 267 16.43 -31.45 2.13
C LEU B 267 16.96 -32.62 2.95
N GLN B 268 18.13 -33.11 2.58
CA GLN B 268 18.68 -34.29 3.24
C GLN B 268 19.29 -33.99 4.60
N ARG B 269 19.52 -32.74 4.94
CA ARG B 269 19.97 -32.37 6.27
C ARG B 269 18.89 -31.71 7.09
N GLY B 270 17.64 -31.79 6.67
CA GLY B 270 16.52 -31.30 7.46
C GLY B 270 16.20 -29.84 7.32
N VAL B 271 16.60 -29.21 6.22
CA VAL B 271 16.40 -27.78 6.01
C VAL B 271 15.30 -27.61 4.96
N VAL B 272 14.28 -26.82 5.31
CA VAL B 272 13.26 -26.44 4.33
C VAL B 272 13.84 -25.37 3.41
N VAL B 273 13.60 -25.50 2.12
CA VAL B 273 14.31 -24.65 1.18
C VAL B 273 13.33 -23.94 0.26
N LEU B 274 13.64 -22.67 0.04
CA LEU B 274 13.00 -21.87 -0.98
C LEU B 274 13.82 -21.96 -2.27
N ALA B 275 13.15 -21.78 -3.40
CA ALA B 275 13.83 -21.70 -4.69
C ALA B 275 13.06 -20.70 -5.52
N LYS B 276 13.69 -19.56 -5.82
CA LYS B 276 13.08 -18.55 -6.65
C LYS B 276 13.41 -18.82 -8.11
N SER B 277 12.40 -18.76 -8.97
CA SER B 277 12.63 -18.76 -10.41
C SER B 277 11.44 -18.08 -11.06
N TYR B 278 11.73 -17.19 -12.01
CA TYR B 278 10.69 -16.60 -12.84
C TYR B 278 10.70 -17.19 -14.25
N ASN B 279 11.38 -18.31 -14.45
CA ASN B 279 11.50 -18.96 -15.75
C ASN B 279 10.69 -20.25 -15.73
N GLU B 280 9.87 -20.44 -16.76
CA GLU B 280 8.99 -21.59 -16.82
C GLU B 280 9.74 -22.91 -16.65
N GLN B 281 10.79 -23.10 -17.44
CA GLN B 281 11.46 -24.41 -17.44
C GLN B 281 12.15 -24.69 -16.11
N ARG B 282 12.73 -23.66 -15.47
CA ARG B 282 13.42 -23.89 -14.20
C ARG B 282 12.45 -24.05 -13.04
N ILE B 283 11.29 -23.38 -13.08
CA ILE B 283 10.27 -23.61 -12.05
C ILE B 283 9.87 -25.08 -12.02
N ARG B 284 9.65 -25.67 -13.20
CA ARG B 284 9.29 -27.09 -13.25
C ARG B 284 10.47 -28.01 -13.01
N GLN B 285 11.70 -27.55 -13.28
CA GLN B 285 12.87 -28.36 -13.00
C GLN B 285 13.12 -28.48 -11.50
N ASN B 286 12.84 -27.41 -10.75
CA ASN B 286 13.17 -27.39 -9.32
C ASN B 286 12.33 -28.37 -8.52
N VAL B 287 11.12 -28.72 -9.00
CA VAL B 287 10.31 -29.71 -8.31
C VAL B 287 10.87 -31.12 -8.44
N GLN B 288 11.85 -31.33 -9.32
CA GLN B 288 12.47 -32.65 -9.43
C GLN B 288 13.37 -32.98 -8.25
N VAL B 289 13.53 -32.06 -7.30
CA VAL B 289 14.36 -32.31 -6.12
C VAL B 289 13.88 -33.55 -5.37
N PHE B 290 12.62 -33.92 -5.50
CA PHE B 290 12.05 -35.07 -4.82
C PHE B 290 12.28 -36.38 -5.55
N GLU B 291 12.94 -36.35 -6.72
CA GLU B 291 13.05 -37.54 -7.56
C GLU B 291 14.36 -38.30 -7.36
N PHE B 292 15.33 -37.73 -6.68
CA PHE B 292 16.64 -38.37 -6.52
C PHE B 292 17.17 -38.11 -5.13
N GLN B 293 18.27 -38.79 -4.81
CA GLN B 293 18.88 -38.73 -3.49
C GLN B 293 20.39 -38.58 -3.62
N LEU B 294 20.97 -37.84 -2.69
CA LEU B 294 22.43 -37.77 -2.61
C LEU B 294 22.92 -38.73 -1.53
N THR B 295 24.12 -39.25 -1.77
CA THR B 295 24.73 -40.22 -0.88
C THR B 295 25.55 -39.51 0.21
N ALA B 296 26.07 -40.31 1.14
CA ALA B 296 26.90 -39.74 2.20
C ALA B 296 28.14 -39.08 1.64
N GLU B 297 28.79 -39.72 0.66
CA GLU B 297 30.00 -39.07 0.16
C GLU B 297 29.67 -37.82 -0.64
N ASP B 298 28.50 -37.73 -1.28
CA ASP B 298 28.08 -36.48 -1.90
C ASP B 298 27.86 -35.40 -0.85
N MET B 299 27.18 -35.75 0.24
CA MET B 299 26.91 -34.76 1.29
C MET B 299 28.20 -34.30 1.96
N LYS B 300 29.18 -35.19 2.11
CA LYS B 300 30.45 -34.79 2.69
C LYS B 300 31.18 -33.78 1.80
N ALA B 301 31.11 -33.97 0.48
CA ALA B 301 31.74 -33.04 -0.44
C ALA B 301 31.09 -31.66 -0.38
N ILE B 302 29.76 -31.62 -0.43
CA ILE B 302 29.05 -30.34 -0.35
C ILE B 302 29.32 -29.67 1.01
N ASP B 303 29.31 -30.45 2.09
CA ASP B 303 29.61 -29.90 3.40
C ASP B 303 30.98 -29.23 3.44
N GLY B 304 31.93 -29.75 2.67
CA GLY B 304 33.26 -29.16 2.63
C GLY B 304 33.36 -27.84 1.90
N LEU B 305 32.27 -27.36 1.30
CA LEU B 305 32.32 -26.11 0.56
C LEU B 305 32.12 -24.88 1.44
N ASP B 306 31.63 -25.07 2.67
CA ASP B 306 31.31 -23.94 3.54
C ASP B 306 32.52 -23.02 3.71
N ARG B 307 32.32 -21.74 3.40
CA ARG B 307 33.41 -20.77 3.47
C ARG B 307 32.94 -19.42 4.02
N ASN B 308 31.91 -19.43 4.86
CA ASN B 308 31.48 -18.24 5.61
C ASN B 308 31.20 -17.07 4.66
N LEU B 309 30.52 -17.34 3.57
CA LEU B 309 30.22 -16.33 2.55
C LEU B 309 28.71 -16.10 2.51
N HIS B 310 28.25 -15.08 3.22
CA HIS B 310 26.88 -14.61 3.00
C HIS B 310 26.92 -13.58 1.88
N TYR B 311 26.12 -13.86 0.84
CA TYR B 311 26.16 -13.06 -0.38
C TYR B 311 25.65 -11.64 -0.11
N PHE B 312 24.59 -11.50 0.67
CA PHE B 312 24.17 -10.18 1.11
C PHE B 312 25.24 -9.61 2.03
N ASN B 313 26.01 -8.66 1.52
CA ASN B 313 27.12 -8.05 2.26
C ASN B 313 27.12 -6.56 1.94
N SER B 314 26.42 -5.77 2.75
CA SER B 314 26.27 -4.35 2.49
C SER B 314 26.56 -3.56 3.76
N ASP B 315 27.13 -2.37 3.56
CA ASP B 315 27.33 -1.46 4.70
C ASP B 315 26.02 -1.15 5.40
N SER B 316 24.91 -1.11 4.66
CA SER B 316 23.61 -0.79 5.22
C SER B 316 22.99 -1.94 6.00
N PHE B 317 23.64 -3.10 6.05
CA PHE B 317 23.28 -4.19 6.94
C PHE B 317 24.26 -4.30 8.10
N ALA B 318 25.55 -4.36 7.82
CA ALA B 318 26.62 -4.54 8.80
C ALA B 318 26.89 -3.29 9.60
N SER B 319 26.05 -2.25 9.58
CA SER B 319 26.22 -1.09 10.45
C SER B 319 25.17 -1.02 11.55
N HIS B 320 24.19 -1.94 11.55
CA HIS B 320 23.07 -2.01 12.49
C HIS B 320 23.47 -2.73 13.77
N PRO B 321 23.01 -2.21 14.90
CA PRO B 321 23.34 -2.84 16.19
C PRO B 321 22.92 -4.31 16.30
N ASN B 322 21.84 -4.71 15.64
CA ASN B 322 21.34 -6.07 15.70
C ASN B 322 21.72 -6.89 14.47
N TYR B 323 22.76 -6.47 13.76
CA TYR B 323 23.29 -7.24 12.64
C TYR B 323 23.60 -8.66 13.10
N PRO B 324 22.97 -9.68 12.50
CA PRO B 324 23.11 -11.04 13.03
C PRO B 324 24.44 -11.73 12.73
N TYR B 325 25.23 -11.23 11.79
CA TYR B 325 26.42 -11.95 11.37
C TYR B 325 27.64 -11.54 12.18
N SER B 326 28.57 -12.47 12.34
CA SER B 326 29.68 -12.26 13.26
C SER B 326 31.03 -12.29 12.55
PA NAP C . -20.12 19.09 2.84
O1A NAP C . -19.25 18.40 3.88
O2A NAP C . -19.34 20.22 2.16
O5B NAP C . -21.49 19.68 3.56
C5B NAP C . -22.27 18.75 4.34
C4B NAP C . -23.62 19.41 4.64
O4B NAP C . -23.40 20.60 5.20
C3B NAP C . -24.31 19.74 3.32
O3B NAP C . -25.15 18.75 2.96
C2B NAP C . -25.07 21.09 3.61
O2B NAP C . -26.56 20.85 3.64
C1B NAP C . -24.67 21.52 4.78
N9A NAP C . -24.24 22.88 4.71
C8A NAP C . -23.67 23.61 3.73
N7A NAP C . -23.45 24.86 4.21
C5A NAP C . -23.90 24.90 5.49
C6A NAP C . -23.94 25.91 6.42
N6A NAP C . -23.47 27.28 6.25
N1A NAP C . -24.44 25.68 7.63
C2A NAP C . -24.93 24.45 7.95
N3A NAP C . -24.90 23.45 7.04
C4A NAP C . -24.39 23.68 5.80
O3 NAP C . -20.66 17.99 1.67
PN NAP C . -19.80 16.75 1.06
O1N NAP C . -20.58 16.20 -0.08
O2N NAP C . -19.58 15.69 2.08
O5D NAP C . -18.35 17.34 0.52
C5D NAP C . -18.38 18.56 -0.31
C4D NAP C . -17.89 18.23 -1.74
O4D NAP C . -16.75 17.59 -1.67
C3D NAP C . -18.83 17.22 -2.42
O3D NAP C . -19.92 17.83 -2.98
C2D NAP C . -17.89 16.61 -3.48
O2D NAP C . -17.76 17.57 -4.62
C1D NAP C . -16.73 16.52 -2.89
N1N NAP C . -16.45 15.18 -2.41
C2N NAP C . -15.42 14.48 -2.97
C3N NAP C . -15.15 13.19 -2.53
C7N NAP C . -14.01 12.39 -3.15
O7N NAP C . -13.94 11.21 -2.98
N7N NAP C . -13.00 13.08 -3.94
C4N NAP C . -15.88 12.63 -1.54
C5N NAP C . -16.90 13.33 -0.97
C6N NAP C . -17.17 14.63 -1.41
P2B NAP C . -27.50 21.71 2.58
O1X NAP C . -27.28 21.23 1.20
O2X NAP C . -28.95 21.52 2.98
O3X NAP C . -27.13 23.18 2.66
N1 8IT D . -11.72 6.51 -0.09
C4 8IT D . -13.97 7.23 -0.46
C5 8IT D . -15.00 7.92 -1.29
C6 8IT D . -16.10 8.54 -0.69
C7 8IT D . -17.08 9.17 -1.44
C8 8IT D . -17.00 9.19 -2.82
C10 8IT D . -14.97 7.95 -2.67
C13 8IT D . -19.51 9.46 -3.23
C1 8IT D . -12.64 7.12 -0.83
C11 8IT D . -18.10 9.87 -3.65
C12 8IT D . -17.90 11.39 -3.70
C14 8IT D . -20.53 9.72 -4.30
C2 8IT D . -12.14 6.02 1.07
C3 8IT D . -14.27 6.69 0.78
C9 8IT D . -15.93 8.56 -3.44
F1 8IT D . -13.94 7.35 -3.32
N2 8IT D . -13.37 6.07 1.55
O1 8IT D . -18.79 12.10 -3.19
O2 8IT D . -16.89 11.83 -4.25
PA NAP E . 17.53 -18.20 -5.15
O1A NAP E . 18.85 -18.20 -4.41
O2A NAP E . 16.59 -19.29 -4.62
O5B NAP E . 17.85 -18.46 -6.76
C5B NAP E . 18.93 -17.69 -7.31
C4B NAP E . 18.80 -17.75 -8.85
O4B NAP E . 18.79 -19.03 -9.20
C3B NAP E . 17.41 -17.26 -9.26
O3B NAP E . 17.47 -15.95 -9.59
C2B NAP E . 17.02 -18.15 -10.50
O2B NAP E . 17.01 -17.33 -11.76
C1B NAP E . 17.93 -19.09 -10.58
N9A NAP E . 17.34 -20.39 -10.65
C8A NAP E . 16.19 -20.91 -10.18
N7A NAP E . 16.14 -22.21 -10.55
C5A NAP E . 17.26 -22.50 -11.25
C6A NAP E . 17.70 -23.66 -11.85
N6A NAP E . 17.03 -24.95 -11.88
N1A NAP E . 18.88 -23.67 -12.50
C2A NAP E . 19.63 -22.55 -12.57
N3A NAP E . 19.20 -21.40 -11.99
C4A NAP E . 18.00 -21.38 -11.32
O3 NAP E . 16.78 -16.71 -5.08
PN NAP E . 16.69 -15.77 -3.76
O1N NAP E . 15.86 -14.59 -4.13
O2N NAP E . 18.05 -15.33 -3.31
O5D NAP E . 16.00 -16.64 -2.53
C5D NAP E . 14.77 -17.38 -2.80
C4D NAP E . 13.64 -16.77 -1.94
O4D NAP E . 14.05 -16.66 -0.70
C3D NAP E . 13.34 -15.32 -2.37
O3D NAP E . 12.47 -15.25 -3.42
C2D NAP E . 12.70 -14.73 -1.09
O2D NAP E . 11.25 -15.12 -1.12
C1D NAP E . 13.30 -15.34 -0.09
N1N NAP E . 14.26 -14.47 0.58
C2N NAP E . 14.07 -14.19 1.90
C3N NAP E . 14.97 -13.35 2.57
C7N NAP E . 14.74 -13.04 4.04
O7N NAP E . 15.34 -12.12 4.54
N7N NAP E . 13.81 -13.84 4.82
C4N NAP E . 16.04 -12.83 1.92
C5N NAP E . 16.23 -13.12 0.61
C6N NAP E . 15.33 -13.95 -0.05
P2B NAP E . 15.67 -17.38 -12.75
O1X NAP E . 14.56 -16.62 -12.12
O2X NAP E . 16.04 -16.75 -14.06
O3X NAP E . 15.23 -18.81 -12.96
N1 8IT F . 19.92 -9.78 7.68
C4 8IT F . 19.31 -9.42 5.39
C5 8IT F . 18.29 -9.28 4.33
C6 8IT F . 18.61 -9.57 3.00
C7 8IT F . 17.68 -9.43 1.98
C8 8IT F . 16.39 -8.99 2.26
C10 8IT F . 17.00 -8.82 4.56
C13 8IT F . 15.94 -8.22 -0.13
C1 8IT F . 19.00 -9.63 6.73
C11 8IT F . 15.37 -8.84 1.14
C12 8IT F . 14.61 -10.15 0.87
C14 8IT F . 14.89 -7.52 -0.96
C2 8IT F . 21.19 -9.72 7.29
C3 8IT F . 20.68 -9.41 5.11
C9 8IT F . 16.05 -8.69 3.57
F1 8IT F . 16.63 -8.51 5.83
N2 8IT F . 21.62 -9.55 6.05
O1 8IT F . 14.07 -10.73 1.84
O2 8IT F . 14.56 -10.58 -0.30
#